data_5O4J
#
_entry.id   5O4J
#
_cell.length_a   72.740
_cell.length_b   82.998
_cell.length_c   96.123
_cell.angle_alpha   90.00
_cell.angle_beta   108.03
_cell.angle_gamma   90.00
#
_symmetry.space_group_name_H-M   'P 1 21 1'
#
loop_
_entity.id
_entity.type
_entity.pdbx_description
1 polymer HcgC
2 non-polymer S-ADENOSYL-L-HOMOCYSTEINE
3 non-polymer 'SULFATE ION'
4 non-polymer 2-{2-[2-(2-{2-[2-(2-ETHOXY-ETHOXY)-ETHOXY]-ETHOXY}-ETHOXY)-ETHOXY]-ETHOXY}-ETHANOL
5 non-polymer '(3~{E})-3-[(~{E})-3-oxidanylprop-2-enoyl]iminopropanoic acid'
6 non-polymer 'LITHIUM ION'
7 non-polymer '6-carboxy methyl-4-hydroxy-2-pyridinol'
8 water water
#
_entity_poly.entity_id   1
_entity_poly.type   'polypeptide(L)'
_entity_poly.pdbx_seq_one_letter_code
;MNYGITESVKTTRSKIKIKDIVSDVVEKKANAIKYFLEGEEFKQAIVFGAYLSGSYIAYSLLKDCEEVIIVDIQPHLKDI
LFNDGIKFMDLNKLQLELRNGTSINPDLVIDLTGIGGVSPDLISKFNPKVLIVEDPKGNHDKGISKIDNTDKRLCVGAKK
GVLKTYRSSKFSKTSGTMTLVVDIIMDSCREINELDSVLYTIPNLKYFEGTVFHEKNVKKFLTELNMSAITVSSIDHVEY
ELEEILSKNISRVDSFVKEFDKLAAALEHHHHHH
;
_entity_poly.pdbx_strand_id   A,B,C,D
#
# COMPACT_ATOMS: atom_id res chain seq x y z
N MET A 1 -3.71 -29.84 1.37
CA MET A 1 -4.36 -28.80 2.22
C MET A 1 -4.74 -29.40 3.57
N ASN A 2 -4.38 -28.74 4.67
CA ASN A 2 -4.51 -29.34 6.00
C ASN A 2 -5.08 -28.31 6.96
N TYR A 3 -5.03 -28.64 8.24
CA TYR A 3 -5.53 -27.80 9.31
C TYR A 3 -4.36 -27.12 10.03
N GLY A 4 -4.69 -26.07 10.78
CA GLY A 4 -3.70 -25.35 11.55
C GLY A 4 -3.57 -25.84 12.97
N ILE A 5 -3.72 -24.91 13.92
CA ILE A 5 -3.59 -25.23 15.34
C ILE A 5 -4.76 -26.09 15.79
N THR A 6 -5.95 -25.86 15.23
CA THR A 6 -7.11 -26.70 15.45
C THR A 6 -7.77 -26.93 14.09
N GLU A 7 -8.81 -27.76 14.08
CA GLU A 7 -9.53 -28.00 12.84
C GLU A 7 -10.45 -26.84 12.46
N SER A 8 -10.53 -25.79 13.29
CA SER A 8 -11.28 -24.59 12.92
C SER A 8 -10.53 -23.71 11.94
N VAL A 9 -9.25 -23.94 11.73
CA VAL A 9 -8.44 -23.08 10.86
C VAL A 9 -7.75 -23.94 9.82
N LYS A 10 -7.69 -23.42 8.60
CA LYS A 10 -7.08 -24.13 7.48
C LYS A 10 -5.70 -23.56 7.21
N THR A 11 -4.78 -24.44 6.79
CA THR A 11 -3.47 -24.03 6.30
C THR A 11 -3.37 -24.42 4.84
N THR A 12 -3.10 -23.44 3.99
CA THR A 12 -3.06 -23.64 2.55
C THR A 12 -1.69 -23.22 2.04
N ARG A 13 -0.99 -24.15 1.39
CA ARG A 13 0.26 -23.85 0.71
C ARG A 13 -0.01 -23.67 -0.78
N SER A 14 0.59 -22.64 -1.36
CA SER A 14 0.36 -22.38 -2.77
C SER A 14 0.93 -23.51 -3.63
N LYS A 15 0.21 -23.83 -4.69
CA LYS A 15 0.75 -24.76 -5.67
C LYS A 15 1.95 -24.17 -6.39
N ILE A 16 1.88 -22.88 -6.70
CA ILE A 16 3.01 -22.19 -7.33
C ILE A 16 4.19 -22.16 -6.36
N LYS A 17 5.33 -22.67 -6.81
CA LYS A 17 6.56 -22.67 -6.04
C LYS A 17 7.44 -21.49 -6.42
N ILE A 18 8.39 -21.17 -5.54
CA ILE A 18 9.31 -20.08 -5.85
C ILE A 18 9.99 -20.35 -7.19
N LYS A 19 10.40 -21.62 -7.44
CA LYS A 19 11.09 -21.94 -8.69
C LYS A 19 10.20 -21.69 -9.90
N ASP A 20 8.87 -21.80 -9.73
CA ASP A 20 7.95 -21.55 -10.84
C ASP A 20 7.93 -20.08 -11.21
N ILE A 21 7.99 -19.19 -10.21
CA ILE A 21 8.06 -17.76 -10.47
C ILE A 21 9.38 -17.41 -11.11
N VAL A 22 10.48 -17.97 -10.60
CA VAL A 22 11.78 -17.78 -11.24
C VAL A 22 11.70 -18.18 -12.70
N SER A 23 11.17 -19.39 -12.95
CA SER A 23 11.09 -19.91 -14.31
CA SER A 23 11.09 -19.91 -14.31
C SER A 23 10.33 -18.94 -15.22
N ASP A 24 9.18 -18.46 -14.77
CA ASP A 24 8.38 -17.57 -15.61
C ASP A 24 9.15 -16.30 -15.94
N VAL A 25 9.84 -15.72 -14.94
CA VAL A 25 10.60 -14.49 -15.19
C VAL A 25 11.77 -14.75 -16.14
N VAL A 26 12.54 -15.80 -15.90
CA VAL A 26 13.70 -16.03 -16.75
C VAL A 26 13.25 -16.36 -18.17
N GLU A 27 12.11 -17.04 -18.32
CA GLU A 27 11.60 -17.32 -19.66
C GLU A 27 11.23 -16.03 -20.38
N LYS A 28 10.61 -15.08 -19.68
CA LYS A 28 10.30 -13.80 -20.32
C LYS A 28 11.55 -13.08 -20.78
N LYS A 29 12.61 -13.11 -19.98
CA LYS A 29 13.87 -12.49 -20.39
C LYS A 29 14.46 -13.20 -21.61
N ALA A 30 14.44 -14.54 -21.60
CA ALA A 30 14.98 -15.28 -22.74
C ALA A 30 14.17 -15.00 -24.00
N ASN A 31 12.85 -14.93 -23.88
CA ASN A 31 12.03 -14.65 -25.05
C ASN A 31 12.23 -13.23 -25.56
N ALA A 32 12.46 -12.26 -24.66
CA ALA A 32 12.79 -10.91 -25.09
C ALA A 32 14.07 -10.89 -25.93
N ILE A 33 15.08 -11.63 -25.50
CA ILE A 33 16.32 -11.73 -26.27
C ILE A 33 16.05 -12.41 -27.60
N LYS A 34 15.30 -13.51 -27.58
CA LYS A 34 14.97 -14.22 -28.81
C LYS A 34 14.35 -13.28 -29.84
N TYR A 35 13.35 -12.50 -29.41
CA TYR A 35 12.66 -11.61 -30.33
C TYR A 35 13.61 -10.56 -30.88
N PHE A 36 14.47 -10.03 -30.02
CA PHE A 36 15.45 -9.03 -30.47
C PHE A 36 16.38 -9.60 -31.53
N LEU A 37 16.77 -10.87 -31.39
CA LEU A 37 17.76 -11.48 -32.29
C LEU A 37 17.18 -11.85 -33.65
N GLU A 38 15.86 -11.88 -33.79
CA GLU A 38 15.22 -12.01 -35.11
C GLU A 38 15.71 -13.23 -35.89
N GLY A 39 15.96 -14.32 -35.16
CA GLY A 39 16.35 -15.57 -35.79
C GLY A 39 17.76 -15.59 -36.34
N GLU A 40 18.57 -14.58 -36.05
CA GLU A 40 19.95 -14.59 -36.52
C GLU A 40 20.72 -15.74 -35.87
N GLU A 41 21.57 -16.37 -36.67
CA GLU A 41 22.40 -17.48 -36.21
C GLU A 41 23.81 -16.98 -35.95
N PHE A 42 24.45 -17.56 -34.94
CA PHE A 42 25.74 -17.10 -34.46
C PHE A 42 26.67 -18.29 -34.28
N LYS A 43 27.97 -18.04 -34.48
CA LYS A 43 28.96 -19.09 -34.31
C LYS A 43 29.32 -19.28 -32.85
N GLN A 44 29.41 -18.19 -32.09
CA GLN A 44 29.86 -18.27 -30.70
C GLN A 44 29.21 -17.17 -29.89
N ALA A 45 28.43 -17.56 -28.89
CA ALA A 45 27.80 -16.63 -27.97
C ALA A 45 28.48 -16.73 -26.62
N ILE A 46 28.79 -15.58 -26.02
CA ILE A 46 29.33 -15.52 -24.67
C ILE A 46 28.34 -14.75 -23.80
N VAL A 47 27.93 -15.37 -22.70
CA VAL A 47 26.97 -14.80 -21.76
C VAL A 47 27.70 -14.61 -20.44
N PHE A 48 27.74 -13.37 -19.96
CA PHE A 48 28.33 -13.06 -18.66
C PHE A 48 27.24 -13.05 -17.60
N GLY A 49 27.45 -13.85 -16.54
CA GLY A 49 26.53 -13.88 -15.42
C GLY A 49 25.62 -15.10 -15.44
N ALA A 50 26.01 -16.15 -14.71
CA ALA A 50 25.24 -17.39 -14.71
C ALA A 50 23.99 -17.28 -13.85
N TYR A 51 24.09 -16.58 -12.72
CA TYR A 51 22.97 -16.41 -11.81
C TYR A 51 22.23 -15.11 -12.15
N LEU A 52 20.90 -15.06 -12.12
CA LEU A 52 19.98 -16.19 -11.89
C LEU A 52 19.34 -16.61 -13.23
N SER A 53 19.12 -15.66 -14.14
CA SER A 53 18.52 -15.97 -15.43
C SER A 53 19.53 -16.42 -16.48
N GLY A 54 20.82 -16.21 -16.23
CA GLY A 54 21.83 -16.51 -17.23
C GLY A 54 21.81 -17.96 -17.69
N SER A 55 21.67 -18.90 -16.74
CA SER A 55 21.69 -20.31 -17.06
C SER A 55 20.67 -20.66 -18.15
N TYR A 56 19.42 -20.24 -17.94
CA TYR A 56 18.39 -20.56 -18.92
C TYR A 56 18.55 -19.74 -20.20
N ILE A 57 18.92 -18.47 -20.08
CA ILE A 57 19.12 -17.66 -21.28
C ILE A 57 20.18 -18.29 -22.17
N ALA A 58 21.29 -18.72 -21.58
CA ALA A 58 22.32 -19.39 -22.35
C ALA A 58 21.77 -20.66 -23.01
N TYR A 59 21.00 -21.45 -22.27
CA TYR A 59 20.38 -22.63 -22.85
C TYR A 59 19.49 -22.26 -24.04
N SER A 60 18.72 -21.19 -23.90
CA SER A 60 17.80 -20.79 -24.97
C SER A 60 18.53 -20.37 -26.24
N LEU A 61 19.83 -20.07 -26.16
CA LEU A 61 20.60 -19.67 -27.33
C LEU A 61 21.10 -20.85 -28.15
N LEU A 62 21.03 -22.06 -27.60
CA LEU A 62 21.63 -23.22 -28.27
C LEU A 62 21.02 -23.47 -29.65
N LYS A 63 19.75 -23.13 -29.84
CA LYS A 63 19.11 -23.41 -31.13
C LYS A 63 19.83 -22.69 -32.26
N ASP A 64 20.06 -21.38 -32.10
CA ASP A 64 20.61 -20.56 -33.17
C ASP A 64 22.10 -20.25 -33.01
N CYS A 65 22.72 -20.64 -31.90
CA CYS A 65 24.13 -20.38 -31.66
C CYS A 65 24.87 -21.71 -31.62
N GLU A 66 25.89 -21.84 -32.47
CA GLU A 66 26.63 -23.11 -32.57
C GLU A 66 27.34 -23.44 -31.25
N GLU A 67 27.95 -22.44 -30.63
CA GLU A 67 28.62 -22.62 -29.34
C GLU A 67 28.12 -21.54 -28.40
N VAL A 68 27.81 -21.94 -27.17
CA VAL A 68 27.35 -21.02 -26.14
C VAL A 68 28.24 -21.20 -24.91
N ILE A 69 28.84 -20.11 -24.46
CA ILE A 69 29.71 -20.11 -23.30
C ILE A 69 29.13 -19.19 -22.24
N ILE A 70 29.02 -19.70 -21.01
CA ILE A 70 28.69 -18.89 -19.86
C ILE A 70 29.98 -18.55 -19.14
N VAL A 71 30.15 -17.27 -18.81
CA VAL A 71 31.31 -16.81 -18.05
C VAL A 71 30.79 -16.25 -16.73
N ASP A 72 31.39 -16.69 -15.63
CA ASP A 72 31.08 -16.12 -14.34
C ASP A 72 32.34 -15.97 -13.52
N ILE A 73 32.42 -14.89 -12.77
CA ILE A 73 33.54 -14.64 -11.88
C ILE A 73 33.60 -15.67 -10.77
N GLN A 74 32.48 -16.33 -10.46
CA GLN A 74 32.42 -17.34 -9.40
C GLN A 74 32.56 -18.72 -10.04
N PRO A 75 33.68 -19.42 -9.85
CA PRO A 75 33.81 -20.75 -10.48
C PRO A 75 32.76 -21.75 -10.03
N HIS A 76 32.27 -21.68 -8.78
CA HIS A 76 31.32 -22.69 -8.34
C HIS A 76 29.97 -22.58 -9.03
N LEU A 77 29.71 -21.48 -9.75
CA LEU A 77 28.44 -21.39 -10.45
C LEU A 77 28.38 -22.28 -11.68
N LYS A 78 29.45 -23.01 -12.01
CA LYS A 78 29.33 -24.09 -12.96
C LYS A 78 28.20 -25.04 -12.58
N ASP A 79 27.93 -25.16 -11.27
CA ASP A 79 26.89 -26.05 -10.78
C ASP A 79 25.48 -25.58 -11.13
N ILE A 80 25.30 -24.33 -11.56
CA ILE A 80 23.97 -23.82 -11.87
C ILE A 80 23.57 -24.01 -13.33
N LEU A 81 24.42 -24.62 -14.15
CA LEU A 81 24.02 -24.88 -15.54
C LEU A 81 23.13 -26.12 -15.63
N PHE A 82 22.24 -26.11 -16.62
CA PHE A 82 21.28 -27.20 -16.79
C PHE A 82 21.98 -28.48 -17.26
N ASN A 83 22.82 -28.38 -18.28
CA ASN A 83 23.48 -29.55 -18.83
C ASN A 83 24.81 -29.14 -19.45
N ASP A 84 25.45 -30.13 -20.10
CA ASP A 84 26.76 -29.96 -20.70
C ASP A 84 26.76 -29.24 -22.03
N GLY A 85 25.59 -29.00 -22.65
CA GLY A 85 25.60 -28.29 -23.91
C GLY A 85 26.11 -26.87 -23.82
N ILE A 86 26.18 -26.31 -22.61
CA ILE A 86 26.74 -25.00 -22.37
C ILE A 86 28.12 -25.16 -21.76
N LYS A 87 29.11 -24.47 -22.33
CA LYS A 87 30.45 -24.44 -21.78
C LYS A 87 30.54 -23.38 -20.69
N PHE A 88 31.22 -23.71 -19.58
CA PHE A 88 31.42 -22.76 -18.50
C PHE A 88 32.89 -22.37 -18.43
N MET A 89 33.13 -21.07 -18.26
CA MET A 89 34.46 -20.52 -18.07
C MET A 89 34.40 -19.56 -16.91
N ASP A 90 35.37 -19.65 -15.99
CA ASP A 90 35.45 -18.58 -15.01
C ASP A 90 36.16 -17.39 -15.64
N LEU A 91 35.98 -16.23 -15.00
CA LEU A 91 36.49 -14.99 -15.58
C LEU A 91 37.99 -15.08 -15.82
N ASN A 92 38.73 -15.68 -14.88
CA ASN A 92 40.17 -15.83 -15.06
C ASN A 92 40.50 -16.68 -16.28
N LYS A 93 39.79 -17.79 -16.47
CA LYS A 93 40.05 -18.65 -17.62
C LYS A 93 39.73 -17.93 -18.93
N LEU A 94 38.69 -17.10 -18.94
CA LEU A 94 38.37 -16.34 -20.14
C LEU A 94 39.49 -15.36 -20.45
N GLN A 95 39.85 -14.54 -19.46
CA GLN A 95 40.84 -13.50 -19.68
C GLN A 95 42.19 -14.07 -20.09
N LEU A 96 42.48 -15.30 -19.66
CA LEU A 96 43.70 -15.98 -20.12
C LEU A 96 43.54 -16.52 -21.52
N GLU A 97 42.38 -17.10 -21.85
CA GLU A 97 42.17 -17.60 -23.21
C GLU A 97 42.10 -16.46 -24.21
N LEU A 98 41.68 -15.27 -23.77
CA LEU A 98 41.69 -14.11 -24.66
C LEU A 98 43.12 -13.72 -25.00
N ARG A 99 44.03 -13.75 -24.02
CA ARG A 99 45.40 -13.33 -24.26
C ARG A 99 46.17 -14.36 -25.08
N ASN A 100 45.98 -15.64 -24.77
CA ASN A 100 46.72 -16.74 -25.39
C ASN A 100 45.73 -17.66 -26.08
N GLY A 101 45.64 -17.56 -27.40
CA GLY A 101 44.75 -18.36 -28.19
C GLY A 101 43.88 -17.52 -29.10
N THR A 102 43.12 -18.21 -29.94
CA THR A 102 42.20 -17.60 -30.88
C THR A 102 40.78 -18.16 -30.72
N SER A 103 40.56 -19.05 -29.75
CA SER A 103 39.28 -19.74 -29.63
C SER A 103 38.15 -18.84 -29.17
N ILE A 104 38.43 -17.66 -28.63
CA ILE A 104 37.39 -16.77 -28.12
C ILE A 104 37.28 -15.58 -29.07
N ASN A 105 36.17 -15.55 -29.82
CA ASN A 105 35.88 -14.46 -30.74
C ASN A 105 34.39 -14.43 -30.97
N PRO A 106 33.60 -14.09 -29.95
CA PRO A 106 32.14 -14.23 -30.07
C PRO A 106 31.53 -13.24 -31.04
N ASP A 107 30.53 -13.70 -31.78
CA ASP A 107 29.71 -12.78 -32.57
C ASP A 107 28.44 -12.37 -31.86
N LEU A 108 28.16 -12.96 -30.68
CA LEU A 108 27.07 -12.53 -29.81
C LEU A 108 27.60 -12.43 -28.39
N VAL A 109 27.45 -11.27 -27.78
CA VAL A 109 27.86 -11.05 -26.39
C VAL A 109 26.63 -10.57 -25.63
N ILE A 110 26.36 -11.18 -24.49
CA ILE A 110 25.26 -10.78 -23.62
C ILE A 110 25.84 -10.59 -22.24
N ASP A 111 25.70 -9.39 -21.68
CA ASP A 111 26.13 -9.10 -20.32
C ASP A 111 24.90 -9.06 -19.43
N LEU A 112 24.79 -10.04 -18.53
CA LEU A 112 23.70 -10.13 -17.58
C LEU A 112 24.14 -9.82 -16.16
N THR A 113 25.34 -9.25 -15.98
CA THR A 113 25.89 -9.15 -14.64
C THR A 113 25.29 -8.00 -13.84
N GLY A 114 24.82 -6.95 -14.51
CA GLY A 114 24.15 -5.88 -13.80
C GLY A 114 25.07 -5.17 -12.84
N ILE A 115 24.53 -4.80 -11.66
CA ILE A 115 25.23 -3.91 -10.75
C ILE A 115 26.56 -4.50 -10.31
N GLY A 116 27.62 -3.70 -10.40
CA GLY A 116 28.95 -4.10 -10.00
C GLY A 116 29.54 -5.22 -10.82
N GLY A 117 29.02 -5.45 -12.02
CA GLY A 117 29.43 -6.57 -12.85
C GLY A 117 30.59 -6.28 -13.79
N VAL A 118 30.50 -6.80 -15.02
CA VAL A 118 31.61 -6.72 -15.96
C VAL A 118 31.96 -5.26 -16.25
N SER A 119 33.21 -5.02 -16.52
N SER A 119 33.20 -5.04 -16.53
CA SER A 119 33.73 -3.70 -16.81
CA SER A 119 33.70 -3.70 -16.82
C SER A 119 33.56 -3.37 -18.29
C SER A 119 33.53 -3.38 -18.30
N PRO A 120 33.26 -2.12 -18.65
CA PRO A 120 33.30 -1.74 -20.07
C PRO A 120 34.62 -2.10 -20.73
N ASP A 121 35.71 -2.09 -19.96
CA ASP A 121 37.01 -2.45 -20.50
C ASP A 121 37.01 -3.88 -21.04
N LEU A 122 36.44 -4.83 -20.27
CA LEU A 122 36.39 -6.21 -20.74
C LEU A 122 35.48 -6.36 -21.95
N ILE A 123 34.32 -5.71 -21.93
CA ILE A 123 33.42 -5.77 -23.07
C ILE A 123 34.09 -5.22 -24.32
N SER A 124 34.88 -4.16 -24.17
CA SER A 124 35.55 -3.54 -25.31
C SER A 124 36.53 -4.50 -25.99
N LYS A 125 36.88 -5.61 -25.36
CA LYS A 125 37.80 -6.57 -25.95
C LYS A 125 37.13 -7.45 -27.01
N PHE A 126 35.83 -7.35 -27.17
CA PHE A 126 35.08 -8.13 -28.15
C PHE A 126 34.64 -7.25 -29.31
N ASN A 127 34.30 -7.92 -30.42
CA ASN A 127 33.82 -7.25 -31.62
C ASN A 127 32.71 -8.11 -32.21
N PRO A 128 31.59 -8.20 -31.51
CA PRO A 128 30.50 -9.08 -31.95
C PRO A 128 29.61 -8.40 -32.98
N LYS A 129 28.79 -9.23 -33.62
CA LYS A 129 27.70 -8.71 -34.44
C LYS A 129 26.65 -8.04 -33.57
N VAL A 130 26.35 -8.64 -32.42
CA VAL A 130 25.28 -8.18 -31.54
C VAL A 130 25.80 -8.15 -30.11
N LEU A 131 25.52 -7.05 -29.41
CA LEU A 131 25.79 -6.91 -28.00
C LEU A 131 24.47 -6.60 -27.30
N ILE A 132 24.16 -7.37 -26.25
CA ILE A 132 23.01 -7.10 -25.38
C ILE A 132 23.54 -6.93 -23.97
N VAL A 133 23.15 -5.84 -23.30
CA VAL A 133 23.49 -5.59 -21.91
C VAL A 133 22.19 -5.51 -21.13
N GLU A 134 22.09 -6.28 -20.04
CA GLU A 134 20.92 -6.20 -19.20
C GLU A 134 21.01 -4.96 -18.32
N ASP A 135 19.97 -4.12 -18.38
CA ASP A 135 19.88 -2.95 -17.52
C ASP A 135 19.31 -3.40 -16.16
N PRO A 136 20.10 -3.31 -15.08
CA PRO A 136 19.60 -3.75 -13.77
C PRO A 136 18.63 -2.77 -13.14
N LYS A 137 18.59 -1.53 -13.61
CA LYS A 137 17.69 -0.54 -13.03
C LYS A 137 16.25 -0.95 -13.25
N GLY A 138 15.46 -0.86 -12.20
CA GLY A 138 14.01 -1.02 -12.28
C GLY A 138 13.38 0.36 -12.33
N ASN A 139 12.44 0.61 -11.42
CA ASN A 139 11.84 1.93 -11.29
C ASN A 139 12.79 2.83 -10.49
N HIS A 140 12.38 4.07 -10.21
CA HIS A 140 13.40 5.08 -9.90
C HIS A 140 13.91 4.98 -8.47
N ASP A 141 15.24 4.99 -8.35
CA ASP A 141 15.94 5.01 -7.08
C ASP A 141 17.28 5.69 -7.34
N LYS A 142 17.56 6.78 -6.62
CA LYS A 142 18.77 7.54 -6.88
C LYS A 142 20.03 6.72 -6.62
N GLY A 143 20.06 5.97 -5.51
CA GLY A 143 21.25 5.22 -5.17
C GLY A 143 21.60 4.17 -6.21
N ILE A 144 20.59 3.47 -6.73
CA ILE A 144 20.84 2.48 -7.77
C ILE A 144 21.22 3.15 -9.08
N SER A 145 20.55 4.26 -9.42
CA SER A 145 20.91 4.98 -10.64
C SER A 145 22.37 5.43 -10.61
N LYS A 146 22.85 5.84 -9.44
CA LYS A 146 24.21 6.38 -9.34
C LYS A 146 25.27 5.32 -9.55
N ILE A 147 25.00 4.07 -9.16
CA ILE A 147 26.01 3.01 -9.29
C ILE A 147 25.90 2.29 -10.62
N ASP A 148 24.81 2.48 -11.35
CA ASP A 148 24.63 1.82 -12.63
C ASP A 148 25.53 2.45 -13.69
N ASN A 149 26.08 1.61 -14.57
CA ASN A 149 26.86 2.13 -15.71
C ASN A 149 26.53 1.34 -16.97
N THR A 150 25.27 0.94 -17.12
CA THR A 150 24.83 0.18 -18.28
C THR A 150 25.25 0.82 -19.59
N ASP A 151 25.02 2.13 -19.72
CA ASP A 151 25.29 2.82 -20.98
C ASP A 151 26.75 2.74 -21.36
N LYS A 152 27.65 2.76 -20.36
CA LYS A 152 29.08 2.68 -20.64
C LYS A 152 29.50 1.30 -21.12
N ARG A 153 28.68 0.28 -20.88
CA ARG A 153 28.99 -1.06 -21.35
C ARG A 153 28.58 -1.29 -22.79
N LEU A 154 27.81 -0.39 -23.38
CA LEU A 154 27.34 -0.54 -24.76
C LEU A 154 28.35 0.06 -25.74
N CYS A 155 29.55 -0.50 -25.72
CA CYS A 155 30.67 0.10 -26.43
C CYS A 155 31.18 -0.71 -27.61
N VAL A 156 30.59 -1.87 -27.90
CA VAL A 156 30.99 -2.68 -29.05
C VAL A 156 29.72 -3.27 -29.67
N GLY A 157 29.88 -3.86 -30.85
CA GLY A 157 28.76 -4.51 -31.52
C GLY A 157 28.12 -3.68 -32.62
N ALA A 158 27.82 -4.32 -33.75
CA ALA A 158 27.16 -3.62 -34.84
C ALA A 158 25.71 -3.30 -34.49
N LYS A 159 25.07 -4.20 -33.75
CA LYS A 159 23.71 -4.04 -33.26
C LYS A 159 23.76 -4.14 -31.75
N LYS A 160 23.14 -3.20 -31.05
CA LYS A 160 23.22 -3.10 -29.59
C LYS A 160 21.82 -3.07 -29.00
N GLY A 161 21.64 -3.75 -27.89
CA GLY A 161 20.35 -3.77 -27.23
C GLY A 161 20.50 -3.77 -25.72
N VAL A 162 19.49 -3.22 -25.04
CA VAL A 162 19.45 -3.16 -23.59
C VAL A 162 18.23 -3.95 -23.12
N LEU A 163 18.45 -5.00 -22.33
CA LEU A 163 17.37 -5.84 -21.84
C LEU A 163 16.77 -5.21 -20.59
N LYS A 164 15.50 -4.85 -20.67
CA LYS A 164 14.80 -4.20 -19.57
C LYS A 164 13.66 -5.09 -19.09
N THR A 165 13.42 -5.09 -17.78
CA THR A 165 12.35 -5.89 -17.21
C THR A 165 11.70 -5.12 -16.08
N TYR A 166 10.39 -4.91 -16.19
CA TYR A 166 9.62 -4.17 -15.21
C TYR A 166 8.34 -4.93 -14.88
N ARG A 167 7.68 -4.49 -13.83
CA ARG A 167 6.35 -4.98 -13.49
C ARG A 167 5.33 -3.92 -13.88
N SER A 168 4.37 -4.29 -14.73
CA SER A 168 3.31 -3.36 -15.09
CA SER A 168 3.32 -3.35 -15.10
C SER A 168 2.52 -2.95 -13.86
N SER A 169 2.37 -1.64 -13.66
CA SER A 169 1.60 -1.02 -12.59
C SER A 169 2.18 -1.16 -11.18
N LYS A 170 3.35 -1.78 -11.02
CA LYS A 170 3.89 -2.04 -9.69
C LYS A 170 5.34 -1.58 -9.62
N PHE A 171 5.79 -1.24 -8.41
CA PHE A 171 7.14 -0.72 -8.21
C PHE A 171 8.12 -1.84 -7.84
N SER A 172 9.24 -1.90 -8.56
CA SER A 172 10.37 -2.76 -8.21
C SER A 172 11.65 -1.97 -8.40
N LYS A 173 12.62 -2.20 -7.50
CA LYS A 173 13.84 -1.40 -7.50
C LYS A 173 14.82 -1.83 -8.58
N THR A 174 14.77 -3.09 -9.00
CA THR A 174 15.66 -3.57 -10.03
C THR A 174 14.87 -4.51 -10.94
N SER A 175 15.52 -4.87 -12.04
CA SER A 175 15.04 -5.85 -13.00
C SER A 175 15.58 -7.24 -12.70
N GLY A 176 16.33 -7.40 -11.62
CA GLY A 176 16.92 -8.69 -11.31
C GLY A 176 15.83 -9.73 -11.08
N THR A 177 16.11 -10.96 -11.53
CA THR A 177 15.14 -12.05 -11.35
C THR A 177 14.75 -12.19 -9.87
N MET A 178 15.74 -12.22 -8.97
CA MET A 178 15.46 -12.35 -7.55
C MET A 178 14.57 -11.21 -7.05
N THR A 179 14.92 -9.96 -7.36
CA THR A 179 14.12 -8.81 -6.93
C THR A 179 12.66 -8.97 -7.37
N LEU A 180 12.47 -9.32 -8.65
CA LEU A 180 11.13 -9.44 -9.19
C LEU A 180 10.36 -10.56 -8.49
N VAL A 181 11.01 -11.69 -8.23
CA VAL A 181 10.35 -12.80 -7.55
C VAL A 181 9.92 -12.37 -6.15
N VAL A 182 10.81 -11.72 -5.41
CA VAL A 182 10.50 -11.23 -4.08
C VAL A 182 9.30 -10.29 -4.13
N ASP A 183 9.32 -9.34 -5.06
CA ASP A 183 8.27 -8.34 -5.10
C ASP A 183 6.93 -8.95 -5.54
N ILE A 184 6.97 -9.90 -6.47
CA ILE A 184 5.77 -10.64 -6.86
C ILE A 184 5.16 -11.30 -5.63
N ILE A 185 5.99 -11.96 -4.83
CA ILE A 185 5.47 -12.66 -3.67
C ILE A 185 4.95 -11.67 -2.64
N MET A 186 5.68 -10.58 -2.38
CA MET A 186 5.26 -9.61 -1.38
C MET A 186 3.94 -8.94 -1.77
N ASP A 187 3.82 -8.50 -3.03
CA ASP A 187 2.58 -7.89 -3.46
C ASP A 187 1.43 -8.90 -3.41
N SER A 188 1.71 -10.15 -3.75
CA SER A 188 0.68 -11.18 -3.66
C SER A 188 0.21 -11.37 -2.23
N CYS A 189 1.16 -11.45 -1.28
CA CYS A 189 0.81 -11.62 0.13
C CYS A 189 -0.11 -10.53 0.63
N ARG A 190 0.15 -9.28 0.24
CA ARG A 190 -0.63 -8.18 0.76
C ARG A 190 -2.06 -8.26 0.27
N GLU A 191 -2.28 -8.70 -0.98
CA GLU A 191 -3.63 -8.87 -1.49
C GLU A 191 -4.30 -10.12 -0.91
N ILE A 192 -3.55 -11.22 -0.78
CA ILE A 192 -4.11 -12.44 -0.22
C ILE A 192 -4.58 -12.21 1.21
N ASN A 193 -3.82 -11.43 1.98
CA ASN A 193 -4.20 -11.21 3.37
C ASN A 193 -5.57 -10.57 3.49
N GLU A 194 -5.99 -9.81 2.47
CA GLU A 194 -7.27 -9.14 2.47
C GLU A 194 -8.43 -10.04 2.04
N LEU A 195 -8.15 -11.26 1.59
CA LEU A 195 -9.23 -12.20 1.32
C LEU A 195 -10.02 -12.50 2.59
N ASP A 196 -11.34 -12.63 2.45
CA ASP A 196 -12.17 -12.94 3.61
C ASP A 196 -11.67 -14.22 4.29
N SER A 197 -11.58 -14.15 5.62
CA SER A 197 -11.29 -15.25 6.53
C SER A 197 -9.79 -15.53 6.69
N VAL A 198 -8.91 -14.85 5.95
CA VAL A 198 -7.47 -15.05 6.16
C VAL A 198 -7.07 -14.44 7.50
N LEU A 199 -6.35 -15.22 8.31
CA LEU A 199 -5.76 -14.74 9.55
C LEU A 199 -4.40 -14.09 9.30
N TYR A 200 -3.52 -14.80 8.61
CA TYR A 200 -2.23 -14.21 8.25
C TYR A 200 -1.69 -14.96 7.04
N THR A 201 -0.71 -14.34 6.39
CA THR A 201 -0.19 -14.77 5.10
C THR A 201 1.32 -14.75 5.14
N ILE A 202 1.93 -15.91 4.89
CA ILE A 202 3.37 -16.10 5.02
C ILE A 202 3.99 -16.09 3.63
N PRO A 203 4.90 -15.16 3.32
CA PRO A 203 5.78 -15.35 2.17
C PRO A 203 6.92 -16.27 2.57
N ASN A 204 7.08 -17.36 1.81
CA ASN A 204 8.12 -18.33 2.15
C ASN A 204 9.45 -17.89 1.57
N LEU A 205 9.94 -16.78 2.12
CA LEU A 205 11.12 -16.11 1.62
C LEU A 205 12.29 -16.24 2.60
N LYS A 206 13.48 -16.16 2.04
CA LYS A 206 14.72 -16.07 2.79
C LYS A 206 15.76 -15.47 1.86
N TYR A 207 16.96 -15.27 2.38
CA TYR A 207 18.03 -14.66 1.60
C TYR A 207 18.68 -15.74 0.73
N PHE A 208 17.94 -16.15 -0.31
CA PHE A 208 18.40 -17.20 -1.20
C PHE A 208 19.75 -16.86 -1.80
N GLU A 209 19.96 -15.58 -2.09
CA GLU A 209 21.21 -15.13 -2.69
C GLU A 209 22.41 -15.57 -1.84
N GLY A 210 22.25 -15.52 -0.50
CA GLY A 210 23.32 -15.96 0.38
C GLY A 210 23.66 -17.43 0.21
N THR A 211 22.64 -18.27 -0.01
CA THR A 211 22.92 -19.68 -0.24
C THR A 211 23.84 -19.87 -1.44
N VAL A 212 23.67 -19.06 -2.47
CA VAL A 212 24.48 -19.19 -3.68
C VAL A 212 25.86 -18.59 -3.49
N PHE A 213 25.93 -17.37 -2.95
CA PHE A 213 27.16 -16.59 -3.03
C PHE A 213 27.97 -16.56 -1.75
N HIS A 214 27.37 -16.84 -0.60
CA HIS A 214 28.08 -16.89 0.67
C HIS A 214 28.33 -18.32 1.12
N GLU A 215 27.28 -19.14 1.16
CA GLU A 215 27.44 -20.57 1.46
C GLU A 215 27.99 -21.35 0.27
N LYS A 216 27.82 -20.82 -0.95
CA LYS A 216 28.33 -21.41 -2.18
C LYS A 216 27.83 -22.83 -2.39
N ASN A 217 26.52 -23.01 -2.21
CA ASN A 217 25.87 -24.31 -2.34
C ASN A 217 24.69 -24.15 -3.28
N VAL A 218 24.93 -24.33 -4.59
CA VAL A 218 23.87 -24.18 -5.58
C VAL A 218 22.79 -25.23 -5.37
N LYS A 219 23.18 -26.46 -5.05
CA LYS A 219 22.19 -27.51 -4.88
C LYS A 219 21.20 -27.17 -3.78
N LYS A 220 21.69 -26.65 -2.65
CA LYS A 220 20.83 -26.18 -1.58
C LYS A 220 19.91 -25.05 -2.05
N PHE A 221 20.46 -24.12 -2.82
CA PHE A 221 19.68 -23.02 -3.37
C PHE A 221 18.51 -23.55 -4.20
N LEU A 222 18.78 -24.49 -5.11
CA LEU A 222 17.72 -25.03 -5.93
C LEU A 222 16.69 -25.75 -5.09
N THR A 223 17.13 -26.44 -4.02
CA THR A 223 16.18 -27.06 -3.10
C THR A 223 15.31 -26.02 -2.42
N GLU A 224 15.92 -24.90 -2.00
CA GLU A 224 15.17 -23.84 -1.37
C GLU A 224 14.09 -23.30 -2.30
N LEU A 225 14.35 -23.27 -3.61
CA LEU A 225 13.34 -22.76 -4.54
C LEU A 225 12.18 -23.73 -4.71
N ASN A 226 12.38 -25.00 -4.36
CA ASN A 226 11.36 -26.03 -4.53
C ASN A 226 10.41 -26.06 -3.33
N MET A 227 9.81 -24.90 -3.09
CA MET A 227 8.97 -24.65 -1.92
C MET A 227 7.84 -23.74 -2.34
N SER A 228 6.66 -23.98 -1.77
CA SER A 228 5.51 -23.13 -2.03
C SER A 228 5.89 -21.67 -1.81
N ALA A 229 5.45 -20.79 -2.72
CA ALA A 229 5.76 -19.37 -2.56
C ALA A 229 5.07 -18.79 -1.32
N ILE A 230 3.85 -19.23 -1.02
CA ILE A 230 3.04 -18.62 0.03
C ILE A 230 2.32 -19.70 0.81
N THR A 231 2.23 -19.50 2.12
CA THR A 231 1.42 -20.31 3.00
C THR A 231 0.42 -19.41 3.72
N VAL A 232 -0.85 -19.82 3.74
CA VAL A 232 -1.92 -18.99 4.26
C VAL A 232 -2.62 -19.71 5.40
N SER A 233 -3.00 -18.95 6.42
CA SER A 233 -3.85 -19.41 7.52
C SER A 233 -5.20 -18.71 7.39
N SER A 234 -6.29 -19.50 7.29
CA SER A 234 -7.60 -18.93 7.06
C SER A 234 -8.69 -19.83 7.64
N ILE A 235 -9.86 -19.24 7.85
CA ILE A 235 -11.02 -20.03 8.29
C ILE A 235 -11.62 -20.78 7.12
N ASP A 236 -11.72 -20.11 5.97
CA ASP A 236 -12.40 -20.64 4.80
C ASP A 236 -11.40 -20.96 3.70
N HIS A 237 -11.89 -21.65 2.67
CA HIS A 237 -11.03 -22.02 1.56
C HIS A 237 -10.58 -20.77 0.82
N VAL A 238 -9.27 -20.72 0.54
CA VAL A 238 -8.66 -19.63 -0.23
C VAL A 238 -7.77 -20.16 -1.34
N GLU A 239 -7.72 -21.48 -1.51
CA GLU A 239 -6.79 -22.08 -2.47
CA GLU A 239 -6.82 -22.12 -2.48
C GLU A 239 -6.90 -21.47 -3.86
N TYR A 240 -8.12 -21.20 -4.34
CA TYR A 240 -8.24 -20.72 -5.72
C TYR A 240 -7.78 -19.28 -5.87
N GLU A 241 -8.23 -18.39 -4.97
CA GLU A 241 -7.80 -17.00 -5.05
C GLU A 241 -6.30 -16.89 -4.84
N LEU A 242 -5.74 -17.77 -4.00
CA LEU A 242 -4.29 -17.77 -3.75
C LEU A 242 -3.51 -17.92 -5.04
N GLU A 243 -3.85 -18.91 -5.86
CA GLU A 243 -3.13 -19.10 -7.11
C GLU A 243 -3.43 -17.97 -8.11
N GLU A 244 -4.69 -17.51 -8.16
CA GLU A 244 -5.07 -16.43 -9.06
CA GLU A 244 -5.04 -16.45 -9.10
C GLU A 244 -4.25 -15.17 -8.80
N ILE A 245 -4.10 -14.81 -7.53
CA ILE A 245 -3.37 -13.59 -7.19
C ILE A 245 -1.90 -13.72 -7.55
N LEU A 246 -1.29 -14.86 -7.22
CA LEU A 246 0.10 -15.08 -7.59
C LEU A 246 0.27 -15.03 -9.10
N SER A 247 -0.60 -15.74 -9.83
CA SER A 247 -0.49 -15.77 -11.28
CA SER A 247 -0.51 -15.78 -11.28
C SER A 247 -0.64 -14.38 -11.88
N LYS A 248 -1.59 -13.59 -11.38
CA LYS A 248 -1.77 -12.23 -11.88
C LYS A 248 -0.51 -11.40 -11.67
N ASN A 249 0.12 -11.53 -10.50
CA ASN A 249 1.32 -10.75 -10.25
C ASN A 249 2.49 -11.22 -11.10
N ILE A 250 2.59 -12.53 -11.35
CA ILE A 250 3.60 -13.03 -12.28
C ILE A 250 3.39 -12.43 -13.67
N SER A 251 2.13 -12.34 -14.11
CA SER A 251 1.85 -11.86 -15.46
C SER A 251 2.20 -10.38 -15.64
N ARG A 252 2.37 -9.63 -14.55
CA ARG A 252 2.71 -8.22 -14.71
C ARG A 252 4.14 -8.03 -15.18
N VAL A 253 4.99 -9.05 -15.05
CA VAL A 253 6.37 -8.91 -15.50
C VAL A 253 6.40 -8.75 -17.01
N ASP A 254 7.10 -7.74 -17.48
CA ASP A 254 7.23 -7.41 -18.89
C ASP A 254 8.72 -7.21 -19.18
N SER A 255 9.28 -8.05 -20.04
CA SER A 255 10.70 -7.98 -20.40
C SER A 255 10.84 -7.70 -21.89
N PHE A 256 11.77 -6.81 -22.25
CA PHE A 256 11.95 -6.48 -23.65
C PHE A 256 13.34 -5.91 -23.85
N VAL A 257 13.88 -6.08 -25.05
CA VAL A 257 15.15 -5.48 -25.42
C VAL A 257 14.86 -4.21 -26.20
N LYS A 258 15.37 -3.10 -25.72
CA LYS A 258 15.28 -1.84 -26.44
C LYS A 258 16.56 -1.67 -27.26
N GLU A 259 16.39 -1.49 -28.57
CA GLU A 259 17.56 -1.28 -29.40
C GLU A 259 18.20 0.05 -29.04
N PHE A 260 19.53 0.02 -28.93
CA PHE A 260 20.33 1.20 -28.67
C PHE A 260 20.86 1.66 -30.03
N ASP A 261 20.32 2.76 -30.54
CA ASP A 261 20.69 3.20 -31.88
C ASP A 261 22.13 3.72 -31.90
N LYS A 262 22.88 3.30 -32.92
CA LYS A 262 24.25 3.76 -33.12
C LYS A 262 24.53 3.68 -34.61
N LEU A 263 24.35 4.80 -35.31
CA LEU A 263 24.47 4.79 -36.77
C LEU A 263 25.88 4.44 -37.21
N ALA A 264 26.89 4.99 -36.53
CA ALA A 264 28.28 4.73 -36.88
C ALA A 264 28.61 3.25 -36.73
N MET B 1 26.74 -6.53 8.69
CA MET B 1 26.63 -6.41 7.20
C MET B 1 27.68 -7.24 6.51
N ASN B 2 27.39 -7.59 5.25
CA ASN B 2 28.39 -8.22 4.41
C ASN B 2 28.13 -7.77 2.96
N TYR B 3 29.08 -8.08 2.10
CA TYR B 3 28.87 -7.82 0.69
C TYR B 3 27.83 -8.79 0.15
N GLY B 4 27.21 -8.41 -0.96
CA GLY B 4 26.25 -9.26 -1.61
C GLY B 4 26.89 -10.10 -2.70
N ILE B 5 26.36 -10.01 -3.92
CA ILE B 5 26.92 -10.77 -5.02
C ILE B 5 28.29 -10.25 -5.42
N THR B 6 28.48 -8.93 -5.32
CA THR B 6 29.76 -8.28 -5.51
C THR B 6 29.96 -7.29 -4.38
N GLU B 7 31.13 -6.65 -4.35
CA GLU B 7 31.35 -5.66 -3.29
C GLU B 7 30.62 -4.34 -3.57
N SER B 8 29.92 -4.22 -4.70
CA SER B 8 29.11 -3.04 -4.97
C SER B 8 27.77 -3.04 -4.25
N VAL B 9 27.34 -4.19 -3.70
CA VAL B 9 26.04 -4.30 -3.04
C VAL B 9 26.27 -4.86 -1.64
N LYS B 10 25.48 -4.37 -0.69
CA LYS B 10 25.55 -4.75 0.70
C LYS B 10 24.35 -5.61 1.11
N THR B 11 24.60 -6.53 2.03
CA THR B 11 23.54 -7.32 2.65
C THR B 11 23.52 -7.01 4.14
N THR B 12 22.36 -6.61 4.63
CA THR B 12 22.20 -6.21 6.04
C THR B 12 21.14 -7.08 6.68
N ARG B 13 21.51 -7.81 7.72
CA ARG B 13 20.56 -8.52 8.55
C ARG B 13 20.17 -7.66 9.75
N SER B 14 18.87 -7.61 10.05
CA SER B 14 18.43 -6.80 11.17
C SER B 14 18.97 -7.37 12.48
N LYS B 15 19.33 -6.46 13.40
CA LYS B 15 19.68 -6.88 14.76
C LYS B 15 18.46 -7.45 15.46
N ILE B 16 17.29 -6.85 15.24
CA ILE B 16 16.05 -7.39 15.79
C ILE B 16 15.77 -8.75 15.19
N LYS B 17 15.57 -9.72 16.06
CA LYS B 17 15.26 -11.08 15.64
C LYS B 17 13.76 -11.32 15.75
N ILE B 18 13.31 -12.37 15.07
CA ILE B 18 11.90 -12.73 15.18
C ILE B 18 11.53 -12.93 16.64
N LYS B 19 12.41 -13.60 17.40
CA LYS B 19 12.10 -13.85 18.81
C LYS B 19 11.98 -12.56 19.61
N ASP B 20 12.69 -11.50 19.19
CA ASP B 20 12.58 -10.22 19.88
C ASP B 20 11.22 -9.57 19.65
N ILE B 21 10.69 -9.69 18.44
CA ILE B 21 9.35 -9.16 18.18
C ILE B 21 8.32 -9.97 18.96
N VAL B 22 8.45 -11.30 18.96
CA VAL B 22 7.58 -12.14 19.78
C VAL B 22 7.65 -11.69 21.23
N SER B 23 8.86 -11.53 21.75
CA SER B 23 9.03 -11.14 23.15
CA SER B 23 9.04 -11.13 23.14
C SER B 23 8.32 -9.82 23.44
N ASP B 24 8.50 -8.82 22.57
CA ASP B 24 7.87 -7.53 22.81
C ASP B 24 6.35 -7.65 22.82
N VAL B 25 5.80 -8.45 21.91
CA VAL B 25 4.35 -8.58 21.81
C VAL B 25 3.80 -9.31 23.04
N VAL B 26 4.41 -10.45 23.41
CA VAL B 26 3.89 -11.19 24.57
C VAL B 26 4.05 -10.38 25.83
N GLU B 27 5.13 -9.60 25.94
CA GLU B 27 5.30 -8.75 27.10
C GLU B 27 4.20 -7.71 27.18
N LYS B 28 3.81 -7.11 26.05
CA LYS B 28 2.70 -6.16 26.06
C LYS B 28 1.41 -6.83 26.53
N LYS B 29 1.17 -8.07 26.10
CA LYS B 29 -0.02 -8.77 26.56
C LYS B 29 0.07 -9.06 28.05
N ALA B 30 1.22 -9.52 28.52
CA ALA B 30 1.40 -9.78 29.94
C ALA B 30 1.19 -8.52 30.77
N ASN B 31 1.72 -7.39 30.31
CA ASN B 31 1.57 -6.14 31.04
C ASN B 31 0.11 -5.67 31.03
N ALA B 32 -0.61 -5.93 29.93
CA ALA B 32 -2.03 -5.60 29.89
C ALA B 32 -2.79 -6.35 30.96
N ILE B 33 -2.50 -7.64 31.12
CA ILE B 33 -3.10 -8.43 32.19
C ILE B 33 -2.67 -7.89 33.54
N LYS B 34 -1.38 -7.62 33.71
CA LYS B 34 -0.87 -7.09 34.97
C LYS B 34 -1.63 -5.83 35.39
N TYR B 35 -1.83 -4.91 34.43
CA TYR B 35 -2.53 -3.67 34.74
C TYR B 35 -3.96 -3.95 35.14
N PHE B 36 -4.61 -4.89 34.47
CA PHE B 36 -5.99 -5.22 34.77
C PHE B 36 -6.12 -5.83 36.16
N LEU B 37 -5.14 -6.63 36.58
CA LEU B 37 -5.23 -7.32 37.86
C LEU B 37 -4.93 -6.41 39.05
N GLU B 38 -4.34 -5.24 38.83
CA GLU B 38 -4.16 -4.22 39.87
C GLU B 38 -3.46 -4.77 41.11
N GLY B 39 -2.47 -5.63 40.90
CA GLY B 39 -1.70 -6.16 42.01
C GLY B 39 -2.42 -7.16 42.87
N GLU B 40 -3.60 -7.62 42.47
CA GLU B 40 -4.32 -8.63 43.23
C GLU B 40 -3.52 -9.93 43.25
N GLU B 41 -3.52 -10.59 44.40
CA GLU B 41 -2.84 -11.86 44.57
C GLU B 41 -3.86 -13.01 44.52
N PHE B 42 -3.40 -14.14 43.99
CA PHE B 42 -4.27 -15.29 43.74
C PHE B 42 -3.63 -16.56 44.25
N LYS B 43 -4.48 -17.51 44.63
CA LYS B 43 -4.02 -18.80 45.12
C LYS B 43 -3.70 -19.76 43.97
N GLN B 44 -4.50 -19.74 42.92
CA GLN B 44 -4.31 -20.67 41.82
C GLN B 44 -4.78 -20.05 40.51
N ALA B 45 -3.86 -19.90 39.57
CA ALA B 45 -4.18 -19.37 38.25
C ALA B 45 -4.12 -20.52 37.25
N ILE B 46 -5.13 -20.59 36.37
CA ILE B 46 -5.13 -21.55 35.27
C ILE B 46 -5.14 -20.75 33.97
N VAL B 47 -4.16 -21.03 33.10
CA VAL B 47 -4.02 -20.35 31.82
C VAL B 47 -4.23 -21.40 30.74
N PHE B 48 -5.24 -21.20 29.88
CA PHE B 48 -5.49 -22.10 28.76
C PHE B 48 -4.77 -21.58 27.52
N GLY B 49 -3.93 -22.43 26.92
CA GLY B 49 -3.24 -22.08 25.69
C GLY B 49 -1.78 -21.71 25.92
N ALA B 50 -0.87 -22.67 25.73
CA ALA B 50 0.54 -22.43 26.00
C ALA B 50 1.19 -21.59 24.90
N TYR B 51 0.80 -21.84 23.65
CA TYR B 51 1.34 -21.13 22.49
C TYR B 51 0.44 -19.93 22.17
N LEU B 52 0.97 -18.77 21.80
CA LEU B 52 2.39 -18.43 21.79
C LEU B 52 2.71 -17.54 22.98
N SER B 53 1.73 -16.73 23.40
CA SER B 53 1.95 -15.81 24.52
C SER B 53 1.76 -16.48 25.87
N GLY B 54 1.10 -17.64 25.91
CA GLY B 54 0.78 -18.27 27.19
C GLY B 54 1.99 -18.54 28.06
N SER B 55 3.08 -19.01 27.46
CA SER B 55 4.27 -19.36 28.23
C SER B 55 4.75 -18.16 29.05
N TYR B 56 4.92 -17.01 28.41
CA TYR B 56 5.42 -15.84 29.13
C TYR B 56 4.37 -15.28 30.07
N ILE B 57 3.10 -15.26 29.65
CA ILE B 57 2.06 -14.77 30.54
C ILE B 57 2.03 -15.58 31.82
N ALA B 58 2.11 -16.90 31.71
CA ALA B 58 2.14 -17.73 32.90
C ALA B 58 3.35 -17.39 33.76
N TYR B 59 4.51 -17.20 33.14
CA TYR B 59 5.69 -16.73 33.87
C TYR B 59 5.40 -15.43 34.60
N SER B 60 4.73 -14.48 33.93
CA SER B 60 4.46 -13.18 34.54
C SER B 60 3.51 -13.29 35.72
N LEU B 61 2.75 -14.37 35.82
CA LEU B 61 1.81 -14.55 36.93
C LEU B 61 2.47 -15.14 38.17
N LEU B 62 3.69 -15.67 38.04
CA LEU B 62 4.31 -16.35 39.19
C LEU B 62 4.47 -15.40 40.37
N LYS B 63 4.67 -14.11 40.10
CA LYS B 63 4.93 -13.15 41.18
C LYS B 63 3.76 -13.08 42.16
N ASP B 64 2.54 -12.90 41.66
CA ASP B 64 1.37 -12.66 42.50
C ASP B 64 0.46 -13.88 42.67
N CYS B 65 0.76 -14.99 42.00
CA CYS B 65 -0.06 -16.20 42.07
C CYS B 65 0.74 -17.32 42.72
N GLU B 66 0.18 -17.90 43.79
CA GLU B 66 0.88 -18.96 44.52
C GLU B 66 1.13 -20.18 43.63
N GLU B 67 0.15 -20.55 42.80
CA GLU B 67 0.28 -21.64 41.86
C GLU B 67 -0.18 -21.18 40.48
N VAL B 68 0.60 -21.50 39.45
CA VAL B 68 0.26 -21.16 38.07
C VAL B 68 0.26 -22.45 37.26
N ILE B 69 -0.86 -22.73 36.60
CA ILE B 69 -1.01 -23.92 35.78
C ILE B 69 -1.32 -23.52 34.35
N ILE B 70 -0.56 -24.05 33.40
CA ILE B 70 -0.87 -23.94 31.97
C ILE B 70 -1.60 -25.21 31.54
N VAL B 71 -2.71 -25.04 30.82
CA VAL B 71 -3.47 -26.15 30.27
C VAL B 71 -3.43 -26.03 28.75
N ASP B 72 -3.08 -27.12 28.07
CA ASP B 72 -3.12 -27.14 26.62
C ASP B 72 -3.62 -28.49 26.15
N ILE B 73 -4.43 -28.46 25.08
CA ILE B 73 -4.93 -29.68 24.48
C ILE B 73 -3.79 -30.50 23.87
N GLN B 74 -2.66 -29.87 23.55
CA GLN B 74 -1.50 -30.55 22.99
C GLN B 74 -0.52 -30.90 24.08
N PRO B 75 -0.34 -32.17 24.45
CA PRO B 75 0.60 -32.48 25.54
C PRO B 75 2.04 -32.07 25.24
N HIS B 76 2.47 -32.10 23.98
CA HIS B 76 3.86 -31.77 23.70
C HIS B 76 4.18 -30.30 23.95
N LEU B 77 3.18 -29.44 24.12
CA LEU B 77 3.47 -28.04 24.40
C LEU B 77 3.98 -27.81 25.81
N LYS B 78 4.10 -28.86 26.62
CA LYS B 78 4.89 -28.72 27.84
C LYS B 78 6.27 -28.17 27.52
N ASP B 79 6.78 -28.47 26.31
CA ASP B 79 8.14 -28.07 25.95
C ASP B 79 8.28 -26.57 25.73
N ILE B 80 7.18 -25.83 25.59
CA ILE B 80 7.28 -24.39 25.35
C ILE B 80 7.30 -23.59 26.64
N LEU B 81 7.16 -24.25 27.79
CA LEU B 81 7.36 -23.56 29.06
C LEU B 81 8.85 -23.48 29.34
N PHE B 82 9.32 -22.28 29.66
CA PHE B 82 10.74 -22.10 29.96
C PHE B 82 11.03 -22.02 31.44
N ASN B 83 10.00 -22.00 32.30
CA ASN B 83 10.19 -21.98 33.74
C ASN B 83 9.55 -23.22 34.35
N ASP B 84 10.26 -23.85 35.29
CA ASP B 84 9.74 -25.06 35.92
C ASP B 84 8.74 -24.75 37.02
N GLY B 85 8.67 -23.51 37.48
CA GLY B 85 7.67 -23.12 38.45
C GLY B 85 6.25 -23.17 37.92
N ILE B 86 6.09 -23.32 36.60
CA ILE B 86 4.77 -23.37 35.98
C ILE B 86 4.40 -24.83 35.80
N LYS B 87 3.24 -25.22 36.34
CA LYS B 87 2.73 -26.57 36.17
C LYS B 87 2.00 -26.69 34.84
N PHE B 88 2.19 -27.81 34.16
CA PHE B 88 1.53 -28.10 32.90
C PHE B 88 0.54 -29.25 33.08
N MET B 89 -0.64 -29.10 32.48
CA MET B 89 -1.65 -30.16 32.43
C MET B 89 -2.21 -30.21 31.02
N ASP B 90 -2.34 -31.40 30.46
CA ASP B 90 -3.08 -31.44 29.21
C ASP B 90 -4.57 -31.37 29.51
N LEU B 91 -5.36 -31.05 28.47
CA LEU B 91 -6.77 -30.83 28.66
C LEU B 91 -7.45 -32.04 29.29
N ASN B 92 -7.05 -33.25 28.87
CA ASN B 92 -7.63 -34.46 29.45
C ASN B 92 -7.34 -34.55 30.94
N LYS B 93 -6.09 -34.32 31.33
CA LYS B 93 -5.74 -34.37 32.76
C LYS B 93 -6.55 -33.35 33.56
N LEU B 94 -6.74 -32.15 33.01
CA LEU B 94 -7.54 -31.14 33.71
C LEU B 94 -8.97 -31.62 33.87
N GLN B 95 -9.62 -32.01 32.75
CA GLN B 95 -11.02 -32.38 32.80
C GLN B 95 -11.25 -33.55 33.73
N LEU B 96 -10.30 -34.49 33.79
CA LEU B 96 -10.40 -35.60 34.72
C LEU B 96 -10.31 -35.11 36.17
N GLU B 97 -9.40 -34.18 36.45
CA GLU B 97 -9.27 -33.65 37.80
C GLU B 97 -10.48 -32.82 38.19
N LEU B 98 -11.12 -32.16 37.22
CA LEU B 98 -12.35 -31.43 37.51
C LEU B 98 -13.49 -32.38 37.87
N ARG B 99 -13.58 -33.50 37.16
CA ARG B 99 -14.69 -34.43 37.35
C ARG B 99 -14.56 -35.23 38.65
N ASN B 100 -13.33 -35.57 39.04
CA ASN B 100 -13.12 -36.44 40.20
C ASN B 100 -12.44 -35.73 41.36
N GLY B 101 -11.26 -35.16 41.14
CA GLY B 101 -10.51 -34.51 42.21
C GLY B 101 -11.12 -33.22 42.71
N THR B 102 -10.44 -32.64 43.70
CA THR B 102 -10.80 -31.34 44.27
C THR B 102 -9.65 -30.35 44.20
N SER B 103 -8.50 -30.73 43.65
CA SER B 103 -7.31 -29.89 43.62
C SER B 103 -7.42 -28.71 42.65
N ILE B 104 -8.41 -28.70 41.76
CA ILE B 104 -8.56 -27.66 40.75
C ILE B 104 -9.70 -26.77 41.18
N ASN B 105 -9.37 -25.55 41.57
CA ASN B 105 -10.35 -24.55 41.96
C ASN B 105 -9.74 -23.16 41.82
N PRO B 106 -9.48 -22.73 40.58
CA PRO B 106 -8.70 -21.50 40.38
C PRO B 106 -9.52 -20.26 40.76
N ASP B 107 -8.83 -19.28 41.35
CA ASP B 107 -9.42 -17.96 41.52
C ASP B 107 -9.04 -17.00 40.40
N LEU B 108 -8.16 -17.41 39.49
CA LEU B 108 -7.85 -16.64 38.29
C LEU B 108 -7.85 -17.60 37.11
N VAL B 109 -8.66 -17.31 36.11
CA VAL B 109 -8.74 -18.11 34.89
C VAL B 109 -8.48 -17.18 33.72
N ILE B 110 -7.56 -17.57 32.84
CA ILE B 110 -7.23 -16.82 31.65
C ILE B 110 -7.32 -17.77 30.47
N ASP B 111 -8.18 -17.45 29.50
CA ASP B 111 -8.30 -18.22 28.28
C ASP B 111 -7.60 -17.50 27.15
N LEU B 112 -6.49 -18.08 26.67
CA LEU B 112 -5.74 -17.50 25.56
C LEU B 112 -5.91 -18.32 24.28
N THR B 113 -6.88 -19.24 24.23
CA THR B 113 -6.91 -20.19 23.11
C THR B 113 -7.51 -19.57 21.84
N GLY B 114 -8.37 -18.57 21.96
CA GLY B 114 -8.87 -17.92 20.75
C GLY B 114 -9.66 -18.84 19.85
N ILE B 115 -9.44 -18.70 18.54
CA ILE B 115 -10.28 -19.34 17.54
C ILE B 115 -10.25 -20.85 17.70
N GLY B 116 -11.44 -21.45 17.74
CA GLY B 116 -11.57 -22.89 17.85
C GLY B 116 -11.04 -23.47 19.14
N GLY B 117 -10.92 -22.64 20.19
CA GLY B 117 -10.32 -23.06 21.44
C GLY B 117 -11.29 -23.60 22.47
N VAL B 118 -11.07 -23.22 23.73
CA VAL B 118 -11.82 -23.82 24.83
C VAL B 118 -13.31 -23.51 24.70
N SER B 119 -14.11 -24.38 25.22
CA SER B 119 -15.54 -24.21 25.08
C SER B 119 -16.11 -23.38 26.23
N PRO B 120 -17.18 -22.64 26.01
CA PRO B 120 -17.86 -22.02 27.14
C PRO B 120 -18.27 -23.03 28.19
N ASP B 121 -18.57 -24.27 27.78
CA ASP B 121 -18.96 -25.32 28.73
C ASP B 121 -17.85 -25.58 29.75
N LEU B 122 -16.61 -25.70 29.29
CA LEU B 122 -15.50 -25.94 30.20
C LEU B 122 -15.26 -24.73 31.10
N ILE B 123 -15.30 -23.51 30.54
CA ILE B 123 -15.12 -22.32 31.35
C ILE B 123 -16.18 -22.25 32.45
N SER B 124 -17.41 -22.64 32.14
CA SER B 124 -18.49 -22.57 33.11
C SER B 124 -18.25 -23.46 34.33
N LYS B 125 -17.29 -24.39 34.26
CA LYS B 125 -17.03 -25.28 35.37
C LYS B 125 -16.20 -24.62 36.47
N PHE B 126 -15.72 -23.40 36.25
CA PHE B 126 -14.92 -22.69 37.22
C PHE B 126 -15.74 -21.57 37.85
N ASN B 127 -15.24 -21.07 38.97
CA ASN B 127 -15.85 -19.95 39.69
C ASN B 127 -14.73 -19.08 40.23
N PRO B 128 -14.00 -18.41 39.36
CA PRO B 128 -12.84 -17.64 39.80
C PRO B 128 -13.24 -16.25 40.27
N LYS B 129 -12.30 -15.59 40.96
CA LYS B 129 -12.46 -14.17 41.25
C LYS B 129 -12.40 -13.35 39.97
N VAL B 130 -11.49 -13.72 39.07
CA VAL B 130 -11.24 -12.97 37.84
C VAL B 130 -11.21 -13.94 36.68
N LEU B 131 -11.90 -13.58 35.60
CA LEU B 131 -11.86 -14.30 34.34
C LEU B 131 -11.36 -13.34 33.27
N ILE B 132 -10.33 -13.74 32.52
CA ILE B 132 -9.86 -13.00 31.36
C ILE B 132 -9.93 -13.91 30.15
N VAL B 133 -10.58 -13.44 29.08
CA VAL B 133 -10.65 -14.17 27.82
C VAL B 133 -9.98 -13.33 26.76
N GLU B 134 -9.03 -13.91 26.04
CA GLU B 134 -8.37 -13.18 24.96
C GLU B 134 -9.27 -13.18 23.74
N ASP B 135 -9.57 -11.98 23.23
CA ASP B 135 -10.36 -11.83 22.01
C ASP B 135 -9.43 -12.01 20.82
N PRO B 136 -9.60 -13.07 20.02
CA PRO B 136 -8.70 -13.27 18.88
C PRO B 136 -8.97 -12.33 17.72
N LYS B 137 -10.13 -11.69 17.71
CA LYS B 137 -10.47 -10.80 16.60
C LYS B 137 -9.54 -9.60 16.57
N GLY B 138 -9.02 -9.29 15.39
CA GLY B 138 -8.27 -8.07 15.16
C GLY B 138 -9.19 -7.04 14.56
N ASN B 139 -8.81 -6.47 13.43
CA ASN B 139 -9.69 -5.57 12.72
C ASN B 139 -10.68 -6.38 11.90
N HIS B 140 -11.58 -5.73 11.16
CA HIS B 140 -12.80 -6.42 10.76
C HIS B 140 -12.59 -7.42 9.63
N ASP B 141 -13.13 -8.62 9.83
CA ASP B 141 -13.16 -9.67 8.82
C ASP B 141 -14.37 -10.53 9.09
N LYS B 142 -15.27 -10.66 8.12
CA LYS B 142 -16.53 -11.37 8.37
C LYS B 142 -16.29 -12.83 8.72
N GLY B 143 -15.40 -13.51 8.00
CA GLY B 143 -15.17 -14.93 8.25
C GLY B 143 -14.68 -15.19 9.65
N ILE B 144 -13.78 -14.33 10.15
CA ILE B 144 -13.26 -14.48 11.49
C ILE B 144 -14.32 -14.13 12.53
N SER B 145 -15.09 -13.06 12.29
CA SER B 145 -16.16 -12.74 13.22
C SER B 145 -17.13 -13.90 13.39
N LYS B 146 -17.42 -14.60 12.28
CA LYS B 146 -18.45 -15.63 12.30
C LYS B 146 -18.05 -16.82 13.16
N ILE B 147 -16.76 -17.14 13.25
CA ILE B 147 -16.31 -18.29 14.02
C ILE B 147 -15.97 -17.91 15.46
N ASP B 148 -15.84 -16.63 15.75
CA ASP B 148 -15.47 -16.19 17.09
C ASP B 148 -16.65 -16.35 18.04
N ASN B 149 -16.36 -16.78 19.26
CA ASN B 149 -17.40 -16.87 20.29
C ASN B 149 -16.86 -16.36 21.63
N THR B 150 -16.02 -15.33 21.57
CA THR B 150 -15.42 -14.77 22.79
C THR B 150 -16.48 -14.39 23.82
N ASP B 151 -17.54 -13.70 23.39
CA ASP B 151 -18.53 -13.23 24.36
C ASP B 151 -19.20 -14.39 25.09
N LYS B 152 -19.38 -15.53 24.41
CA LYS B 152 -19.99 -16.68 25.07
C LYS B 152 -19.07 -17.31 26.11
N ARG B 153 -17.76 -17.05 26.05
CA ARG B 153 -16.81 -17.57 27.03
C ARG B 153 -16.76 -16.74 28.31
N LEU B 154 -17.36 -15.55 28.32
CA LEU B 154 -17.35 -14.67 29.48
C LEU B 154 -18.55 -14.98 30.39
N CYS B 155 -18.57 -16.20 30.91
CA CYS B 155 -19.74 -16.71 31.60
C CYS B 155 -19.53 -16.95 33.09
N VAL B 156 -18.32 -16.73 33.61
CA VAL B 156 -18.05 -16.87 35.04
C VAL B 156 -17.10 -15.77 35.48
N GLY B 157 -16.93 -15.67 36.80
CA GLY B 157 -16.02 -14.72 37.39
C GLY B 157 -16.67 -13.47 37.96
N ALA B 158 -16.22 -13.05 39.15
CA ALA B 158 -16.74 -11.83 39.75
C ALA B 158 -16.29 -10.61 38.97
N LYS B 159 -15.08 -10.65 38.42
CA LYS B 159 -14.51 -9.62 37.58
C LYS B 159 -14.17 -10.26 36.25
N LYS B 160 -14.60 -9.63 35.16
CA LYS B 160 -14.45 -10.18 33.81
C LYS B 160 -13.72 -9.18 32.94
N GLY B 161 -12.79 -9.67 32.13
CA GLY B 161 -12.06 -8.82 31.21
C GLY B 161 -11.78 -9.53 29.90
N VAL B 162 -11.66 -8.73 28.83
CA VAL B 162 -11.36 -9.24 27.50
C VAL B 162 -10.03 -8.64 27.05
N LEU B 163 -9.05 -9.50 26.77
CA LEU B 163 -7.73 -9.07 26.38
C LEU B 163 -7.72 -8.81 24.87
N LYS B 164 -7.50 -7.55 24.49
CA LYS B 164 -7.52 -7.13 23.11
C LYS B 164 -6.13 -6.64 22.71
N THR B 165 -5.71 -6.93 21.49
CA THR B 165 -4.42 -6.45 21.01
C THR B 165 -4.57 -6.02 19.56
N TYR B 166 -4.24 -4.76 19.28
CA TYR B 166 -4.32 -4.21 17.93
C TYR B 166 -3.03 -3.45 17.61
N ARG B 167 -2.90 -3.11 16.34
CA ARG B 167 -1.83 -2.23 15.87
C ARG B 167 -2.41 -0.85 15.56
N SER B 168 -1.91 0.17 16.24
CA SER B 168 -2.33 1.54 15.95
C SER B 168 -2.11 1.88 14.48
N SER B 169 -3.16 2.36 13.82
CA SER B 169 -3.11 2.86 12.45
C SER B 169 -2.88 1.76 11.40
N LYS B 170 -2.79 0.49 11.77
CA LYS B 170 -2.46 -0.56 10.82
C LYS B 170 -3.47 -1.70 10.94
N PHE B 171 -3.63 -2.43 9.85
CA PHE B 171 -4.60 -3.51 9.79
C PHE B 171 -3.95 -4.84 10.11
N SER B 172 -4.57 -5.59 11.03
CA SER B 172 -4.22 -6.97 11.31
C SER B 172 -5.51 -7.75 11.49
N LYS B 173 -5.54 -9.00 11.00
CA LYS B 173 -6.77 -9.79 11.01
C LYS B 173 -7.06 -10.40 12.38
N THR B 174 -6.04 -10.66 13.18
CA THR B 174 -6.23 -11.23 14.51
C THR B 174 -5.30 -10.52 15.48
N SER B 175 -5.54 -10.78 16.75
CA SER B 175 -4.69 -10.32 17.83
C SER B 175 -3.61 -11.33 18.18
N GLY B 176 -3.53 -12.42 17.43
CA GLY B 176 -2.59 -13.46 17.78
C GLY B 176 -1.17 -12.96 17.69
N THR B 177 -0.32 -13.43 18.61
CA THR B 177 1.08 -13.03 18.60
C THR B 177 1.71 -13.30 17.24
N MET B 178 1.49 -14.50 16.68
CA MET B 178 2.07 -14.82 15.37
C MET B 178 1.57 -13.87 14.28
N THR B 179 0.25 -13.65 14.22
CA THR B 179 -0.29 -12.71 13.22
C THR B 179 0.38 -11.35 13.35
N LEU B 180 0.49 -10.84 14.58
CA LEU B 180 1.06 -9.53 14.79
C LEU B 180 2.54 -9.48 14.40
N VAL B 181 3.30 -10.53 14.73
CA VAL B 181 4.70 -10.56 14.35
C VAL B 181 4.84 -10.55 12.83
N VAL B 182 4.05 -11.37 12.16
CA VAL B 182 4.09 -11.41 10.69
C VAL B 182 3.78 -10.02 10.13
N ASP B 183 2.72 -9.39 10.63
CA ASP B 183 2.28 -8.12 10.07
C ASP B 183 3.29 -7.00 10.35
N ILE B 184 3.89 -7.00 11.54
CA ILE B 184 4.96 -6.06 11.86
C ILE B 184 6.08 -6.19 10.84
N ILE B 185 6.51 -7.42 10.57
CA ILE B 185 7.63 -7.64 9.66
C ILE B 185 7.23 -7.25 8.24
N MET B 186 6.01 -7.62 7.82
CA MET B 186 5.57 -7.30 6.46
C MET B 186 5.46 -5.80 6.25
N ASP B 187 4.84 -5.09 7.20
CA ASP B 187 4.74 -3.64 7.05
C ASP B 187 6.11 -2.98 7.09
N SER B 188 7.01 -3.49 7.92
CA SER B 188 8.37 -2.94 7.98
C SER B 188 9.07 -3.14 6.64
N CYS B 189 8.92 -4.32 6.06
CA CYS B 189 9.54 -4.59 4.76
CA CYS B 189 9.51 -4.62 4.75
C CYS B 189 9.06 -3.60 3.71
N ARG B 190 7.76 -3.30 3.68
CA ARG B 190 7.24 -2.37 2.69
C ARG B 190 7.95 -1.03 2.79
N GLU B 191 8.15 -0.53 4.00
CA GLU B 191 8.76 0.77 4.19
C GLU B 191 10.27 0.73 3.95
N ILE B 192 10.91 -0.35 4.40
CA ILE B 192 12.35 -0.50 4.20
C ILE B 192 12.67 -0.52 2.72
N ASN B 193 11.85 -1.19 1.93
CA ASN B 193 12.15 -1.28 0.50
C ASN B 193 12.20 0.09 -0.15
N GLU B 194 11.48 1.08 0.39
CA GLU B 194 11.45 2.42 -0.18
C GLU B 194 12.63 3.28 0.24
N LEU B 195 13.47 2.80 1.15
CA LEU B 195 14.69 3.52 1.49
C LEU B 195 15.58 3.64 0.27
N ASP B 196 16.22 4.79 0.12
CA ASP B 196 17.12 4.99 -1.01
C ASP B 196 18.17 3.88 -1.05
N SER B 197 18.39 3.36 -2.24
CA SER B 197 19.44 2.40 -2.58
C SER B 197 19.09 0.94 -2.27
N VAL B 198 17.95 0.66 -1.64
CA VAL B 198 17.55 -0.72 -1.39
C VAL B 198 17.16 -1.38 -2.71
N LEU B 199 17.71 -2.57 -2.97
CA LEU B 199 17.33 -3.37 -4.13
C LEU B 199 16.11 -4.25 -3.83
N TYR B 200 16.16 -5.01 -2.75
CA TYR B 200 15.02 -5.81 -2.34
C TYR B 200 15.14 -6.08 -0.84
N THR B 201 14.02 -6.49 -0.25
CA THR B 201 13.90 -6.61 1.20
C THR B 201 13.25 -7.95 1.53
N ILE B 202 13.94 -8.78 2.31
CA ILE B 202 13.50 -10.14 2.59
C ILE B 202 12.88 -10.19 3.99
N PRO B 203 11.61 -10.58 4.12
CA PRO B 203 11.09 -11.00 5.42
C PRO B 203 11.51 -12.44 5.68
N ASN B 204 12.20 -12.68 6.79
CA ASN B 204 12.71 -14.02 7.07
C ASN B 204 11.61 -14.84 7.74
N LEU B 205 10.58 -15.12 6.95
CA LEU B 205 9.37 -15.75 7.46
C LEU B 205 9.21 -17.17 6.91
N LYS B 206 8.51 -17.98 7.68
CA LYS B 206 8.08 -19.30 7.26
C LYS B 206 6.88 -19.64 8.11
N TYR B 207 6.30 -20.81 7.85
CA TYR B 207 5.12 -21.23 8.60
C TYR B 207 5.58 -21.85 9.92
N PHE B 208 6.00 -20.97 10.83
CA PHE B 208 6.51 -21.41 12.13
C PHE B 208 5.48 -22.24 12.87
N GLU B 209 4.21 -21.88 12.74
CA GLU B 209 3.15 -22.60 13.41
C GLU B 209 3.19 -24.09 13.08
N GLY B 210 3.51 -24.42 11.83
CA GLY B 210 3.65 -25.80 11.44
C GLY B 210 4.75 -26.52 12.20
N THR B 211 5.87 -25.82 12.47
CA THR B 211 6.93 -26.46 13.25
C THR B 211 6.41 -26.90 14.61
N VAL B 212 5.53 -26.09 15.21
CA VAL B 212 5.01 -26.39 16.54
C VAL B 212 3.93 -27.45 16.49
N PHE B 213 2.97 -27.30 15.57
CA PHE B 213 1.74 -28.07 15.65
C PHE B 213 1.65 -29.23 14.68
N HIS B 214 2.42 -29.21 13.60
CA HIS B 214 2.45 -30.34 12.67
C HIS B 214 3.68 -31.20 12.87
N GLU B 215 4.86 -30.57 12.94
CA GLU B 215 6.08 -31.30 13.28
C GLU B 215 6.19 -31.57 14.77
N LYS B 216 5.43 -30.85 15.60
CA LYS B 216 5.44 -31.05 17.05
C LYS B 216 6.86 -30.96 17.58
N ASN B 217 7.58 -29.91 17.14
CA ASN B 217 8.99 -29.72 17.44
C ASN B 217 9.20 -28.30 17.99
N VAL B 218 8.99 -28.14 19.29
CA VAL B 218 9.16 -26.83 19.93
C VAL B 218 10.62 -26.40 19.86
N LYS B 219 11.54 -27.33 20.08
CA LYS B 219 12.97 -27.01 20.00
C LYS B 219 13.30 -26.31 18.68
N LYS B 220 12.91 -26.94 17.58
CA LYS B 220 13.18 -26.39 16.25
C LYS B 220 12.50 -25.04 16.08
N PHE B 221 11.27 -24.91 16.54
CA PHE B 221 10.54 -23.65 16.47
C PHE B 221 11.31 -22.52 17.14
N LEU B 222 11.77 -22.73 18.38
CA LEU B 222 12.49 -21.68 19.08
C LEU B 222 13.78 -21.32 18.36
N THR B 223 14.46 -22.31 17.79
CA THR B 223 15.65 -22.03 16.97
C THR B 223 15.27 -21.20 15.75
N GLU B 224 14.15 -21.52 15.10
CA GLU B 224 13.69 -20.75 13.95
C GLU B 224 13.45 -19.28 14.31
N LEU B 225 13.01 -18.99 15.53
CA LEU B 225 12.77 -17.60 15.93
C LEU B 225 14.07 -16.83 16.16
N ASN B 226 15.17 -17.55 16.33
N ASN B 226 15.21 -17.51 16.26
CA ASN B 226 16.49 -16.97 16.51
CA ASN B 226 16.46 -16.83 16.57
C ASN B 226 17.13 -16.61 15.18
C ASN B 226 17.02 -16.02 15.40
N MET B 227 16.35 -16.03 14.26
CA MET B 227 16.82 -15.48 13.01
C MET B 227 16.51 -13.99 12.93
N SER B 228 17.37 -13.23 12.26
CA SER B 228 17.04 -11.83 11.96
C SER B 228 15.67 -11.76 11.31
N ALA B 229 14.87 -10.77 11.72
CA ALA B 229 13.54 -10.57 11.15
C ALA B 229 13.60 -10.23 9.66
N ILE B 230 14.56 -9.41 9.25
CA ILE B 230 14.61 -8.87 7.89
C ILE B 230 16.04 -8.87 7.41
N THR B 231 16.23 -9.23 6.13
CA THR B 231 17.50 -9.09 5.43
C THR B 231 17.30 -8.18 4.22
N VAL B 232 18.20 -7.21 4.06
CA VAL B 232 18.08 -6.17 3.04
C VAL B 232 19.28 -6.26 2.11
N SER B 233 19.02 -6.06 0.82
CA SER B 233 20.06 -5.89 -0.19
C SER B 233 20.02 -4.43 -0.63
N SER B 234 21.14 -3.72 -0.51
CA SER B 234 21.15 -2.29 -0.80
C SER B 234 22.54 -1.84 -1.25
N ILE B 235 22.59 -0.67 -1.91
CA ILE B 235 23.88 -0.09 -2.26
C ILE B 235 24.50 0.61 -1.06
N ASP B 236 23.70 1.34 -0.28
CA ASP B 236 24.18 2.12 0.84
C ASP B 236 23.76 1.50 2.17
N HIS B 237 24.37 2.02 3.24
CA HIS B 237 24.04 1.57 4.58
C HIS B 237 22.59 1.88 4.92
N VAL B 238 21.89 0.89 5.50
CA VAL B 238 20.50 1.04 5.90
C VAL B 238 20.29 0.54 7.33
N GLU B 239 21.36 0.17 8.03
CA GLU B 239 21.21 -0.49 9.31
C GLU B 239 20.42 0.36 10.31
N TYR B 240 20.66 1.67 10.35
CA TYR B 240 19.97 2.53 11.30
C TYR B 240 18.47 2.56 11.02
N GLU B 241 18.08 2.83 9.77
CA GLU B 241 16.67 2.92 9.42
C GLU B 241 15.99 1.56 9.54
N LEU B 242 16.73 0.49 9.25
CA LEU B 242 16.18 -0.86 9.37
C LEU B 242 15.64 -1.11 10.79
N GLU B 243 16.45 -0.82 11.81
CA GLU B 243 16.03 -1.04 13.18
C GLU B 243 14.95 -0.06 13.60
N GLU B 244 15.05 1.21 13.16
CA GLU B 244 14.05 2.20 13.53
C GLU B 244 12.68 1.84 12.98
N ILE B 245 12.62 1.33 11.75
CA ILE B 245 11.33 0.99 11.14
C ILE B 245 10.71 -0.22 11.84
N LEU B 246 11.51 -1.25 12.12
CA LEU B 246 11.00 -2.39 12.87
C LEU B 246 10.53 -1.95 14.25
N SER B 247 11.35 -1.16 14.95
CA SER B 247 10.97 -0.73 16.29
C SER B 247 9.70 0.11 16.27
N LYS B 248 9.56 0.99 15.28
CA LYS B 248 8.34 1.80 15.17
C LYS B 248 7.12 0.91 15.01
N ASN B 249 7.22 -0.12 14.17
CA ASN B 249 6.08 -0.99 13.95
C ASN B 249 5.79 -1.86 15.16
N ILE B 250 6.81 -2.26 15.91
CA ILE B 250 6.57 -2.96 17.17
C ILE B 250 5.81 -2.07 18.13
N SER B 251 6.20 -0.80 18.23
CA SER B 251 5.58 0.12 19.18
C SER B 251 4.13 0.43 18.85
N ARG B 252 3.68 0.11 17.63
CA ARG B 252 2.27 0.31 17.31
C ARG B 252 1.39 -0.71 17.99
N VAL B 253 1.95 -1.83 18.47
CA VAL B 253 1.14 -2.82 19.15
C VAL B 253 0.64 -2.24 20.46
N ASP B 254 -0.67 -2.37 20.68
CA ASP B 254 -1.34 -1.82 21.86
C ASP B 254 -2.21 -2.94 22.42
N SER B 255 -1.88 -3.42 23.62
CA SER B 255 -2.62 -4.50 24.26
C SER B 255 -3.26 -3.97 25.54
N PHE B 256 -4.51 -4.34 25.76
CA PHE B 256 -5.24 -3.87 26.93
C PHE B 256 -6.39 -4.83 27.22
N VAL B 257 -6.76 -4.92 28.50
CA VAL B 257 -7.91 -5.68 28.93
C VAL B 257 -9.07 -4.71 29.11
N LYS B 258 -10.17 -4.94 28.41
CA LYS B 258 -11.37 -4.16 28.59
C LYS B 258 -12.25 -4.88 29.61
N GLU B 259 -12.62 -4.19 30.68
CA GLU B 259 -13.48 -4.80 31.66
C GLU B 259 -14.87 -5.04 31.07
N PHE B 260 -15.39 -6.24 31.32
CA PHE B 260 -16.73 -6.62 30.88
C PHE B 260 -17.66 -6.43 32.07
N ASP B 261 -18.52 -5.42 32.01
CA ASP B 261 -19.40 -5.11 33.13
C ASP B 261 -20.49 -6.18 33.29
N ASN C 2 -11.15 26.23 12.86
CA ASN C 2 -10.12 25.21 13.06
C ASN C 2 -10.66 24.02 13.84
N TYR C 3 -11.91 24.13 14.30
CA TYR C 3 -12.62 22.98 14.85
C TYR C 3 -13.53 22.36 13.79
N GLY C 4 -13.91 21.11 14.03
CA GLY C 4 -14.77 20.39 13.12
C GLY C 4 -16.24 20.48 13.48
N ILE C 5 -16.88 19.31 13.61
CA ILE C 5 -18.30 19.25 13.92
C ILE C 5 -18.55 19.74 15.34
N THR C 6 -17.63 19.43 16.26
CA THR C 6 -17.65 19.93 17.62
C THR C 6 -16.24 20.41 17.97
N GLU C 7 -16.10 21.01 19.14
CA GLU C 7 -14.77 21.47 19.54
C GLU C 7 -13.87 20.33 19.99
N SER C 8 -14.37 19.10 20.01
CA SER C 8 -13.56 17.93 20.29
C SER C 8 -12.72 17.48 19.10
N VAL C 9 -12.97 18.00 17.90
CA VAL C 9 -12.25 17.59 16.70
C VAL C 9 -11.68 18.82 16.01
N LYS C 10 -10.47 18.69 15.49
CA LYS C 10 -9.79 19.76 14.80
C LYS C 10 -9.84 19.56 13.29
N THR C 11 -9.92 20.65 12.56
CA THR C 11 -9.80 20.66 11.11
C THR C 11 -8.53 21.44 10.77
N THR C 12 -7.61 20.80 10.05
CA THR C 12 -6.31 21.39 9.73
C THR C 12 -6.14 21.40 8.22
N ARG C 13 -5.95 22.58 7.64
CA ARG C 13 -5.63 22.71 6.22
C ARG C 13 -4.13 22.91 6.06
N SER C 14 -3.54 22.20 5.12
CA SER C 14 -2.10 22.27 4.93
C SER C 14 -1.68 23.65 4.47
N LYS C 15 -0.50 24.09 4.96
CA LYS C 15 0.10 25.32 4.47
C LYS C 15 0.49 25.18 3.01
N ILE C 16 1.04 24.02 2.65
CA ILE C 16 1.38 23.74 1.26
C ILE C 16 0.11 23.70 0.41
N LYS C 17 0.11 24.49 -0.65
CA LYS C 17 -1.00 24.56 -1.60
C LYS C 17 -0.68 23.72 -2.82
N ILE C 18 -1.73 23.40 -3.59
CA ILE C 18 -1.52 22.64 -4.82
C ILE C 18 -0.54 23.37 -5.73
N LYS C 19 -0.66 24.70 -5.84
CA LYS C 19 0.27 25.43 -6.69
C LYS C 19 1.70 25.31 -6.19
N ASP C 20 1.90 25.14 -4.88
CA ASP C 20 3.26 24.99 -4.36
C ASP C 20 3.87 23.66 -4.82
N ILE C 21 3.05 22.61 -4.89
CA ILE C 21 3.54 21.35 -5.40
C ILE C 21 3.82 21.45 -6.89
N VAL C 22 2.90 22.06 -7.64
CA VAL C 22 3.12 22.28 -9.06
C VAL C 22 4.45 23.01 -9.27
N SER C 23 4.64 24.10 -8.51
CA SER C 23 5.82 24.94 -8.67
C SER C 23 7.10 24.13 -8.43
N ASP C 24 7.12 23.33 -7.36
CA ASP C 24 8.30 22.52 -7.08
C ASP C 24 8.61 21.57 -8.22
N VAL C 25 7.58 20.93 -8.78
CA VAL C 25 7.79 19.97 -9.87
C VAL C 25 8.30 20.66 -11.12
N VAL C 26 7.64 21.76 -11.52
CA VAL C 26 8.05 22.45 -12.74
C VAL C 26 9.46 23.02 -12.58
N GLU C 27 9.78 23.51 -11.38
CA GLU C 27 11.13 24.03 -11.14
C GLU C 27 12.17 22.94 -11.31
N LYS C 28 11.88 21.73 -10.83
CA LYS C 28 12.81 20.61 -11.01
C LYS C 28 13.02 20.29 -12.48
N LYS C 29 11.96 20.34 -13.28
CA LYS C 29 12.09 20.09 -14.72
C LYS C 29 12.90 21.20 -15.38
N ALA C 30 12.62 22.44 -15.03
CA ALA C 30 13.38 23.55 -15.60
C ALA C 30 14.85 23.44 -15.22
N ASN C 31 15.15 23.07 -13.97
CA ASN C 31 16.53 22.95 -13.54
C ASN C 31 17.23 21.79 -14.23
N ALA C 32 16.51 20.70 -14.47
CA ALA C 32 17.07 19.59 -15.24
C ALA C 32 17.46 20.03 -16.65
N ILE C 33 16.62 20.82 -17.31
CA ILE C 33 16.97 21.35 -18.62
C ILE C 33 18.17 22.30 -18.50
N LYS C 34 18.14 23.20 -17.53
CA LYS C 34 19.24 24.12 -17.32
C LYS C 34 20.57 23.40 -17.19
N TYR C 35 20.59 22.32 -16.40
CA TYR C 35 21.83 21.56 -16.19
C TYR C 35 22.30 20.92 -17.48
N PHE C 36 21.37 20.39 -18.27
CA PHE C 36 21.72 19.73 -19.52
C PHE C 36 22.34 20.70 -20.51
N LEU C 37 21.84 21.94 -20.54
CA LEU C 37 22.29 22.91 -21.51
C LEU C 37 23.65 23.50 -21.19
N GLU C 38 24.14 23.33 -19.96
CA GLU C 38 25.50 23.69 -19.58
C GLU C 38 25.82 25.14 -19.91
N GLY C 39 24.84 26.02 -19.71
CA GLY C 39 25.06 27.43 -19.91
C GLY C 39 25.18 27.86 -21.36
N GLU C 40 24.92 26.97 -22.30
CA GLU C 40 24.96 27.35 -23.71
C GLU C 40 23.91 28.40 -23.99
N GLU C 41 24.27 29.37 -24.82
CA GLU C 41 23.35 30.43 -25.22
C GLU C 41 22.80 30.15 -26.62
N PHE C 42 21.57 30.60 -26.84
CA PHE C 42 20.84 30.29 -28.06
C PHE C 42 20.19 31.54 -28.61
N LYS C 43 20.01 31.57 -29.93
CA LYS C 43 19.36 32.70 -30.57
C LYS C 43 17.84 32.58 -30.51
N GLN C 44 17.30 31.37 -30.67
CA GLN C 44 15.85 31.19 -30.72
C GLN C 44 15.48 29.81 -30.19
N ALA C 45 14.73 29.80 -29.10
CA ALA C 45 14.24 28.55 -28.52
C ALA C 45 12.76 28.44 -28.81
N ILE C 46 12.33 27.26 -29.25
CA ILE C 46 10.91 26.96 -29.44
C ILE C 46 10.55 25.82 -28.51
N VAL C 47 9.57 26.06 -27.65
CA VAL C 47 9.10 25.10 -26.66
C VAL C 47 7.68 24.74 -27.03
N PHE C 48 7.44 23.44 -27.29
CA PHE C 48 6.11 22.96 -27.62
C PHE C 48 5.42 22.47 -26.35
N GLY C 49 4.24 23.01 -26.07
CA GLY C 49 3.44 22.57 -24.95
C GLY C 49 3.52 23.51 -23.76
N ALA C 50 2.54 24.41 -23.66
CA ALA C 50 2.54 25.42 -22.61
C ALA C 50 2.11 24.85 -21.26
N TYR C 51 1.15 23.92 -21.26
CA TYR C 51 0.66 23.32 -20.03
C TYR C 51 1.43 22.03 -19.78
N LEU C 52 1.81 21.72 -18.53
CA LEU C 52 1.67 22.57 -17.35
C LEU C 52 3.02 23.20 -16.97
N SER C 53 4.11 22.48 -17.24
CA SER C 53 5.44 22.97 -16.92
C SER C 53 6.01 23.89 -18.00
N GLY C 54 5.43 23.88 -19.20
CA GLY C 54 5.99 24.65 -20.30
C GLY C 54 6.16 26.12 -19.95
N SER C 55 5.17 26.69 -19.28
CA SER C 55 5.20 28.11 -18.94
C SER C 55 6.47 28.48 -18.18
N TYR C 56 6.77 27.77 -17.09
CA TYR C 56 7.94 28.13 -16.29
C TYR C 56 9.24 27.76 -17.01
N ILE C 57 9.25 26.63 -17.72
CA ILE C 57 10.45 26.24 -18.46
C ILE C 57 10.82 27.34 -19.45
N ALA C 58 9.84 27.86 -20.19
CA ALA C 58 10.10 28.94 -21.12
C ALA C 58 10.68 30.16 -20.41
N TYR C 59 10.11 30.51 -19.25
CA TYR C 59 10.65 31.60 -18.45
C TYR C 59 12.12 31.35 -18.10
N SER C 60 12.46 30.14 -17.69
CA SER C 60 13.82 29.84 -17.28
C SER C 60 14.81 29.95 -18.43
N LEU C 61 14.35 29.89 -19.67
CA LEU C 61 15.24 29.98 -20.83
C LEU C 61 15.56 31.41 -21.25
N LEU C 62 14.82 32.41 -20.74
CA LEU C 62 15.01 33.78 -21.19
C LEU C 62 16.42 34.29 -20.94
N LYS C 63 17.07 33.82 -19.88
CA LYS C 63 18.41 34.31 -19.55
C LYS C 63 19.39 34.02 -20.68
N ASP C 64 19.42 32.78 -21.16
CA ASP C 64 20.42 32.36 -22.13
C ASP C 64 19.90 32.28 -23.56
N CYS C 65 18.61 32.51 -23.79
CA CYS C 65 18.03 32.47 -25.13
C CYS C 65 17.55 33.86 -25.51
N GLU C 66 18.05 34.37 -26.64
CA GLU C 66 17.67 35.71 -27.07
C GLU C 66 16.16 35.80 -27.33
N GLU C 67 15.60 34.77 -27.95
CA GLU C 67 14.16 34.68 -28.17
C GLU C 67 13.66 33.33 -27.69
N VAL C 68 12.55 33.32 -26.96
CA VAL C 68 11.90 32.10 -26.48
C VAL C 68 10.47 32.13 -26.97
N ILE C 69 10.08 31.10 -27.71
CA ILE C 69 8.73 30.99 -28.24
C ILE C 69 8.09 29.74 -27.65
N ILE C 70 6.88 29.89 -27.10
CA ILE C 70 6.04 28.78 -26.70
C ILE C 70 5.05 28.53 -27.84
N VAL C 71 4.91 27.27 -28.22
CA VAL C 71 3.95 26.86 -29.24
C VAL C 71 2.96 25.90 -28.61
N ASP C 72 1.67 26.17 -28.79
CA ASP C 72 0.66 25.25 -28.32
C ASP C 72 -0.48 25.18 -29.32
N ILE C 73 -1.01 23.96 -29.50
CA ILE C 73 -2.14 23.75 -30.38
C ILE C 73 -3.38 24.47 -29.86
N GLN C 74 -3.43 24.77 -28.55
CA GLN C 74 -4.58 25.46 -27.97
C GLN C 74 -4.28 26.96 -27.89
N PRO C 75 -4.91 27.80 -28.71
CA PRO C 75 -4.58 29.24 -28.63
C PRO C 75 -4.89 29.86 -27.29
N HIS C 76 -5.90 29.38 -26.57
CA HIS C 76 -6.25 30.01 -25.30
C HIS C 76 -5.18 29.81 -24.23
N LEU C 77 -4.23 28.91 -24.44
CA LEU C 77 -3.18 28.72 -23.45
C LEU C 77 -2.17 29.86 -23.44
N LYS C 78 -2.32 30.86 -24.32
CA LYS C 78 -1.56 32.09 -24.13
C LYS C 78 -1.73 32.60 -22.71
N ASP C 79 -2.89 32.34 -22.10
CA ASP C 79 -3.19 32.85 -20.77
C ASP C 79 -2.36 32.19 -19.68
N ILE C 80 -1.72 31.05 -19.94
CA ILE C 80 -0.95 30.37 -18.89
C ILE C 80 0.49 30.86 -18.82
N LEU C 81 0.91 31.73 -19.72
CA LEU C 81 2.23 32.35 -19.62
C LEU C 81 2.15 33.51 -18.64
N PHE C 82 3.18 33.66 -17.79
CA PHE C 82 3.19 34.74 -16.83
C PHE C 82 4.24 35.81 -17.11
N ASN C 83 5.16 35.58 -18.05
CA ASN C 83 6.13 36.60 -18.42
C ASN C 83 5.89 37.04 -19.86
N ASP C 84 6.06 38.34 -20.10
CA ASP C 84 5.81 38.91 -21.42
C ASP C 84 6.99 38.72 -22.36
N GLY C 85 8.16 38.38 -21.83
CA GLY C 85 9.31 38.09 -22.67
C GLY C 85 9.16 36.85 -23.52
N ILE C 86 8.15 36.04 -23.25
CA ILE C 86 7.92 34.80 -23.99
C ILE C 86 6.89 35.06 -25.07
N LYS C 87 7.25 34.74 -26.31
CA LYS C 87 6.33 34.86 -27.44
C LYS C 87 5.47 33.61 -27.54
N PHE C 88 4.18 33.81 -27.80
CA PHE C 88 3.25 32.69 -27.95
C PHE C 88 2.80 32.57 -29.41
N MET C 89 2.76 31.34 -29.90
CA MET C 89 2.25 31.03 -31.23
C MET C 89 1.37 29.81 -31.11
N ASP C 90 0.20 29.85 -31.74
CA ASP C 90 -0.54 28.60 -31.83
C ASP C 90 0.05 27.76 -32.95
N LEU C 91 -0.26 26.46 -32.93
CA LEU C 91 0.38 25.54 -33.88
C LEU C 91 0.12 25.96 -35.32
N ASN C 92 -1.10 26.40 -35.64
CA ASN C 92 -1.37 26.81 -37.01
C ASN C 92 -0.53 28.01 -37.41
N LYS C 93 -0.30 28.93 -36.46
CA LYS C 93 0.54 30.10 -36.77
C LYS C 93 1.98 29.69 -36.99
N LEU C 94 2.52 28.80 -36.14
CA LEU C 94 3.87 28.29 -36.37
C LEU C 94 3.96 27.59 -37.71
N GLN C 95 3.05 26.66 -37.98
CA GLN C 95 3.10 25.90 -39.22
C GLN C 95 2.99 26.82 -40.43
N LEU C 96 2.19 27.88 -40.32
CA LEU C 96 2.09 28.88 -41.38
C LEU C 96 3.42 29.61 -41.55
N GLU C 97 4.02 30.05 -40.44
CA GLU C 97 5.28 30.79 -40.50
C GLU C 97 6.41 29.92 -41.03
N LEU C 98 6.36 28.61 -40.77
CA LEU C 98 7.34 27.70 -41.32
C LEU C 98 7.18 27.58 -42.84
N ARG C 99 5.93 27.56 -43.31
CA ARG C 99 5.65 27.38 -44.74
C ARG C 99 5.90 28.65 -45.55
N ASN C 100 5.47 29.81 -45.06
CA ASN C 100 5.55 31.06 -45.84
C ASN C 100 6.36 32.12 -45.13
N GLY C 101 7.40 31.74 -44.39
CA GLY C 101 8.20 32.71 -43.67
C GLY C 101 9.61 32.22 -43.45
N THR C 102 10.44 33.08 -42.87
CA THR C 102 11.81 32.75 -42.56
C THR C 102 12.19 33.03 -41.10
N SER C 103 11.27 33.56 -40.29
CA SER C 103 11.59 33.96 -38.93
C SER C 103 11.77 32.78 -37.97
N ILE C 104 11.35 31.57 -38.36
CA ILE C 104 11.42 30.41 -37.47
C ILE C 104 12.55 29.51 -37.94
N ASN C 105 13.62 29.47 -37.14
CA ASN C 105 14.79 28.64 -37.37
C ASN C 105 15.49 28.42 -36.04
N PRO C 106 14.86 27.69 -35.12
CA PRO C 106 15.40 27.61 -33.75
C PRO C 106 16.69 26.81 -33.67
N ASP C 107 17.60 27.26 -32.82
CA ASP C 107 18.75 26.44 -32.47
C ASP C 107 18.54 25.64 -31.19
N LEU C 108 17.41 25.84 -30.50
CA LEU C 108 17.00 25.01 -29.38
C LEU C 108 15.54 24.67 -29.55
N VAL C 109 15.21 23.38 -29.57
CA VAL C 109 13.83 22.90 -29.66
C VAL C 109 13.56 22.01 -28.46
N ILE C 110 12.45 22.26 -27.77
CA ILE C 110 12.03 21.45 -26.63
C ILE C 110 10.60 21.02 -26.87
N ASP C 111 10.35 19.71 -26.87
CA ASP C 111 9.00 19.17 -27.00
C ASP C 111 8.53 18.68 -25.64
N LEU C 112 7.54 19.35 -25.07
CA LEU C 112 6.96 19.00 -23.79
C LEU C 112 5.55 18.41 -23.93
N THR C 113 5.13 18.05 -25.15
CA THR C 113 3.73 17.73 -25.37
C THR C 113 3.38 16.32 -24.91
N GLY C 114 4.35 15.40 -24.91
CA GLY C 114 4.08 14.06 -24.42
C GLY C 114 3.03 13.33 -25.24
N ILE C 115 2.17 12.59 -24.53
CA ILE C 115 1.26 11.65 -25.18
C ILE C 115 0.32 12.38 -26.13
N GLY C 116 0.21 11.85 -27.35
CA GLY C 116 -0.65 12.42 -28.37
C GLY C 116 -0.24 13.80 -28.84
N GLY C 117 1.03 14.17 -28.64
CA GLY C 117 1.49 15.50 -28.95
C GLY C 117 2.08 15.71 -30.33
N VAL C 118 3.16 16.48 -30.39
CA VAL C 118 3.73 16.90 -31.67
C VAL C 118 4.17 15.68 -32.47
N SER C 119 4.08 15.80 -33.73
CA SER C 119 4.44 14.73 -34.64
CA SER C 119 4.45 14.71 -34.61
C SER C 119 5.95 14.74 -34.89
N PRO C 120 6.58 13.58 -35.05
CA PRO C 120 7.99 13.58 -35.48
C PRO C 120 8.19 14.33 -36.78
N ASP C 121 7.18 14.33 -37.66
CA ASP C 121 7.29 15.06 -38.92
C ASP C 121 7.52 16.55 -38.68
N LEU C 122 6.77 17.15 -37.75
CA LEU C 122 6.96 18.56 -37.46
C LEU C 122 8.32 18.81 -36.84
N ILE C 123 8.76 17.93 -35.92
CA ILE C 123 10.09 18.09 -35.35
C ILE C 123 11.16 18.00 -36.44
N SER C 124 10.97 17.08 -37.40
CA SER C 124 11.95 16.90 -38.47
C SER C 124 12.14 18.15 -39.32
N LYS C 125 11.23 19.12 -39.21
CA LYS C 125 11.36 20.35 -40.00
C LYS C 125 12.37 21.31 -39.41
N PHE C 126 12.92 21.03 -38.24
CA PHE C 126 13.90 21.89 -37.59
C PHE C 126 15.28 21.28 -37.68
N ASN C 127 16.29 22.12 -37.47
CA ASN C 127 17.69 21.70 -37.46
C ASN C 127 18.40 22.46 -36.35
N PRO C 128 18.06 22.17 -35.10
CA PRO C 128 18.60 22.94 -33.98
C PRO C 128 19.97 22.42 -33.53
N LYS C 129 20.63 23.25 -32.72
CA LYS C 129 21.83 22.78 -32.02
C LYS C 129 21.47 21.74 -30.98
N VAL C 130 20.36 21.96 -30.27
CA VAL C 130 19.94 21.08 -29.19
C VAL C 130 18.46 20.76 -29.33
N LEU C 131 18.12 19.49 -29.21
CA LEU C 131 16.75 19.02 -29.16
C LEU C 131 16.53 18.30 -27.84
N ILE C 132 15.50 18.69 -27.10
CA ILE C 132 15.08 17.97 -25.89
C ILE C 132 13.64 17.53 -26.10
N VAL C 133 13.37 16.25 -25.84
CA VAL C 133 12.02 15.71 -25.88
C VAL C 133 11.67 15.20 -24.49
N GLU C 134 10.53 15.64 -23.97
CA GLU C 134 10.10 15.13 -22.67
C GLU C 134 9.44 13.77 -22.85
N ASP C 135 9.94 12.80 -22.11
CA ASP C 135 9.39 11.44 -22.10
C ASP C 135 8.20 11.41 -21.15
N PRO C 136 6.98 11.18 -21.66
CA PRO C 136 5.82 11.15 -20.77
C PRO C 136 5.72 9.87 -19.97
N LYS C 137 6.45 8.83 -20.35
CA LYS C 137 6.37 7.58 -19.61
C LYS C 137 6.92 7.76 -18.20
N GLY C 138 6.18 7.25 -17.23
CA GLY C 138 6.68 7.15 -15.87
C GLY C 138 7.20 5.75 -15.65
N ASN C 139 6.72 5.10 -14.62
CA ASN C 139 7.05 3.71 -14.40
C ASN C 139 6.19 2.85 -15.32
N HIS C 140 6.32 1.53 -15.23
CA HIS C 140 5.90 0.71 -16.36
C HIS C 140 4.39 0.54 -16.44
N ASP C 141 3.86 0.76 -17.65
CA ASP C 141 2.46 0.52 -17.96
C ASP C 141 2.40 0.17 -19.44
N LYS C 142 1.88 -1.01 -19.76
CA LYS C 142 1.91 -1.45 -21.15
C LYS C 142 1.10 -0.54 -22.05
N GLY C 143 -0.07 -0.12 -21.60
CA GLY C 143 -0.92 0.73 -22.43
C GLY C 143 -0.27 2.06 -22.78
N ILE C 144 0.41 2.68 -21.80
CA ILE C 144 1.07 3.94 -22.05
C ILE C 144 2.31 3.73 -22.92
N SER C 145 3.06 2.64 -22.69
CA SER C 145 4.21 2.36 -23.54
C SER C 145 3.80 2.23 -25.00
N LYS C 146 2.64 1.62 -25.24
CA LYS C 146 2.17 1.37 -26.60
C LYS C 146 1.94 2.67 -27.37
N ILE C 147 1.40 3.69 -26.70
CA ILE C 147 1.04 4.93 -27.35
C ILE C 147 2.20 5.93 -27.39
N ASP C 148 3.26 5.67 -26.64
CA ASP C 148 4.40 6.57 -26.60
C ASP C 148 5.24 6.44 -27.87
N ASN C 149 5.74 7.56 -28.36
CA ASN C 149 6.65 7.54 -29.50
C ASN C 149 7.79 8.54 -29.29
N THR C 150 8.22 8.69 -28.03
CA THR C 150 9.29 9.62 -27.70
C THR C 150 10.53 9.38 -28.57
N ASP C 151 10.94 8.11 -28.72
CA ASP C 151 12.16 7.82 -29.45
C ASP C 151 12.07 8.26 -30.90
N LYS C 152 10.89 8.19 -31.51
CA LYS C 152 10.72 8.64 -32.88
C LYS C 152 10.79 10.16 -33.01
N ARG C 153 10.58 10.90 -31.93
CA ARG C 153 10.65 12.35 -31.98
C ARG C 153 12.08 12.88 -31.90
N LEU C 154 13.04 12.04 -31.54
CA LEU C 154 14.44 12.43 -31.41
C LEU C 154 15.16 12.29 -32.75
N CYS C 155 14.70 13.05 -33.73
CA CYS C 155 15.11 12.86 -35.11
C CYS C 155 15.95 14.00 -35.66
N VAL C 156 16.21 15.06 -34.88
CA VAL C 156 17.04 16.17 -35.31
C VAL C 156 17.88 16.67 -34.14
N GLY C 157 18.83 17.55 -34.44
CA GLY C 157 19.67 18.15 -33.42
C GLY C 157 21.05 17.55 -33.28
N ALA C 158 22.05 18.41 -33.13
CA ALA C 158 23.41 17.94 -32.92
C ALA C 158 23.59 17.32 -31.54
N LYS C 159 22.88 17.84 -30.55
CA LYS C 159 22.86 17.31 -29.20
C LYS C 159 21.40 17.01 -28.85
N LYS C 160 21.13 15.80 -28.37
CA LYS C 160 19.77 15.37 -28.09
C LYS C 160 19.65 14.88 -26.66
N GLY C 161 18.53 15.20 -26.04
CA GLY C 161 18.28 14.77 -24.67
C GLY C 161 16.82 14.42 -24.48
N VAL C 162 16.57 13.53 -23.51
CA VAL C 162 15.23 13.11 -23.13
C VAL C 162 15.01 13.50 -21.68
N LEU C 163 14.00 14.34 -21.44
CA LEU C 163 13.70 14.84 -20.11
C LEU C 163 12.82 13.80 -19.40
N LYS C 164 13.35 13.24 -18.33
CA LYS C 164 12.65 12.22 -17.56
CA LYS C 164 12.66 12.21 -17.56
C LYS C 164 12.37 12.74 -16.16
N THR C 165 11.21 12.38 -15.61
CA THR C 165 10.85 12.81 -14.26
C THR C 165 10.18 11.63 -13.58
N TYR C 166 10.72 11.21 -12.45
CA TYR C 166 10.18 10.10 -11.68
C TYR C 166 10.09 10.49 -10.22
N ARG C 167 9.39 9.66 -9.45
CA ARG C 167 9.38 9.76 -8.01
C ARG C 167 10.25 8.65 -7.45
N SER C 168 11.30 9.03 -6.71
CA SER C 168 12.15 8.03 -6.08
CA SER C 168 12.15 8.02 -6.09
C SER C 168 11.32 7.16 -5.16
N SER C 169 11.43 5.83 -5.33
CA SER C 169 10.82 4.81 -4.49
C SER C 169 9.32 4.67 -4.63
N LYS C 170 8.66 5.44 -5.50
CA LYS C 170 7.21 5.42 -5.59
C LYS C 170 6.81 5.26 -7.04
N PHE C 171 5.61 4.71 -7.25
CA PHE C 171 5.09 4.44 -8.59
C PHE C 171 4.24 5.60 -9.08
N SER C 172 4.53 6.08 -10.30
CA SER C 172 3.69 7.02 -11.01
C SER C 172 3.61 6.60 -12.47
N LYS C 173 2.43 6.77 -13.09
CA LYS C 173 2.19 6.26 -14.44
C LYS C 173 2.81 7.13 -15.52
N THR C 174 2.97 8.42 -15.26
CA THR C 174 3.57 9.33 -16.23
C THR C 174 4.51 10.26 -15.48
N SER C 175 5.26 11.01 -16.27
CA SER C 175 6.10 12.09 -15.79
C SER C 175 5.39 13.43 -15.83
N GLY C 176 4.10 13.45 -16.20
CA GLY C 176 3.40 14.72 -16.32
C GLY C 176 3.31 15.42 -14.98
N THR C 177 3.42 16.75 -15.02
CA THR C 177 3.34 17.54 -13.81
C THR C 177 2.06 17.23 -13.03
N MET C 178 0.92 17.20 -13.71
CA MET C 178 -0.35 16.91 -13.05
C MET C 178 -0.33 15.54 -12.39
N THR C 179 0.10 14.51 -13.12
CA THR C 179 0.17 13.17 -12.55
C THR C 179 0.99 13.16 -11.27
N LEU C 180 2.18 13.79 -11.31
CA LEU C 180 3.07 13.78 -10.16
C LEU C 180 2.45 14.53 -8.99
N VAL C 181 1.79 15.66 -9.25
CA VAL C 181 1.13 16.41 -8.19
C VAL C 181 0.04 15.56 -7.54
N VAL C 182 -0.79 14.93 -8.36
CA VAL C 182 -1.84 14.06 -7.82
C VAL C 182 -1.23 12.95 -6.96
N ASP C 183 -0.21 12.29 -7.50
CA ASP C 183 0.37 11.13 -6.82
C ASP C 183 1.06 11.53 -5.51
N ILE C 184 1.74 12.69 -5.51
CA ILE C 184 2.31 13.24 -4.28
C ILE C 184 1.23 13.42 -3.23
N ILE C 185 0.11 14.02 -3.63
CA ILE C 185 -0.96 14.30 -2.69
C ILE C 185 -1.59 13.00 -2.20
N MET C 186 -1.83 12.06 -3.11
CA MET C 186 -2.46 10.80 -2.73
C MET C 186 -1.58 10.02 -1.75
N ASP C 187 -0.28 9.93 -2.05
CA ASP C 187 0.63 9.21 -1.15
C ASP C 187 0.73 9.92 0.19
N SER C 188 0.75 11.26 0.18
CA SER C 188 0.80 12.01 1.43
C SER C 188 -0.43 11.75 2.27
N CYS C 189 -1.61 11.74 1.65
CA CYS C 189 -2.85 11.44 2.39
C CYS C 189 -2.76 10.10 3.09
N ARG C 190 -2.24 9.08 2.40
CA ARG C 190 -2.16 7.74 2.96
C ARG C 190 -1.36 7.74 4.25
N GLU C 191 -0.23 8.44 4.26
CA GLU C 191 0.61 8.48 5.45
C GLU C 191 0.03 9.38 6.53
N ILE C 192 -0.54 10.51 6.13
CA ILE C 192 -1.16 11.41 7.10
C ILE C 192 -2.28 10.71 7.86
N ASN C 193 -3.08 9.89 7.15
CA ASN C 193 -4.21 9.23 7.80
C ASN C 193 -3.75 8.33 8.93
N GLU C 194 -2.52 7.82 8.84
CA GLU C 194 -1.96 6.95 9.86
C GLU C 194 -1.40 7.71 11.06
N LEU C 195 -1.33 9.04 11.01
CA LEU C 195 -0.94 9.79 12.19
C LEU C 195 -1.93 9.54 13.32
N ASP C 196 -1.42 9.48 14.55
CA ASP C 196 -2.30 9.29 15.70
C ASP C 196 -3.37 10.37 15.74
N SER C 197 -4.61 9.95 15.98
CA SER C 197 -5.76 10.81 16.24
C SER C 197 -6.43 11.32 14.97
N VAL C 198 -5.89 11.05 13.78
CA VAL C 198 -6.55 11.48 12.55
C VAL C 198 -7.79 10.62 12.31
N LEU C 199 -8.92 11.29 12.04
CA LEU C 199 -10.16 10.61 11.68
C LEU C 199 -10.23 10.32 10.18
N TYR C 200 -9.99 11.34 9.35
CA TYR C 200 -9.93 11.12 7.91
C TYR C 200 -9.13 12.25 7.30
N THR C 201 -8.69 12.02 6.07
CA THR C 201 -7.74 12.89 5.38
C THR C 201 -8.27 13.17 3.99
N ILE C 202 -8.46 14.44 3.66
CA ILE C 202 -9.08 14.86 2.41
C ILE C 202 -7.99 15.35 1.47
N PRO C 203 -7.81 14.73 0.30
CA PRO C 203 -7.04 15.38 -0.77
C PRO C 203 -7.94 16.35 -1.51
N ASN C 204 -7.55 17.62 -1.55
CA ASN C 204 -8.37 18.64 -2.19
C ASN C 204 -8.12 18.61 -3.70
N LEU C 205 -8.58 17.52 -4.30
CA LEU C 205 -8.33 17.26 -5.71
C LEU C 205 -9.61 17.39 -6.51
N LYS C 206 -9.44 17.71 -7.79
CA LYS C 206 -10.51 17.71 -8.76
C LYS C 206 -9.84 17.54 -10.13
N TYR C 207 -10.66 17.45 -11.17
CA TYR C 207 -10.13 17.25 -12.52
C TYR C 207 -9.70 18.62 -13.05
N PHE C 208 -8.58 19.11 -12.49
CA PHE C 208 -8.05 20.43 -12.87
C PHE C 208 -7.85 20.55 -14.36
N GLU C 209 -7.42 19.45 -14.99
CA GLU C 209 -7.19 19.45 -16.43
C GLU C 209 -8.42 19.88 -17.20
N GLY C 210 -9.61 19.47 -16.74
CA GLY C 210 -10.84 19.89 -17.39
C GLY C 210 -11.02 21.40 -17.35
N THR C 211 -10.65 22.03 -16.25
CA THR C 211 -10.75 23.49 -16.16
C THR C 211 -9.93 24.16 -17.26
N VAL C 212 -8.77 23.60 -17.57
CA VAL C 212 -7.90 24.22 -18.59
C VAL C 212 -8.39 23.89 -19.99
N PHE C 213 -8.71 22.62 -20.26
CA PHE C 213 -8.87 22.16 -21.63
C PHE C 213 -10.32 21.99 -22.07
N HIS C 214 -11.26 21.84 -21.14
CA HIS C 214 -12.67 21.74 -21.49
C HIS C 214 -13.41 23.04 -21.23
N GLU C 215 -13.22 23.63 -20.05
CA GLU C 215 -13.73 24.97 -19.79
C GLU C 215 -12.88 26.05 -20.42
N LYS C 216 -11.63 25.76 -20.75
CA LYS C 216 -10.74 26.73 -21.38
C LYS C 216 -10.67 28.01 -20.54
N ASN C 217 -10.48 27.81 -19.22
CA ASN C 217 -10.49 28.88 -18.23
C ASN C 217 -9.22 28.78 -17.39
N VAL C 218 -8.13 29.36 -17.90
CA VAL C 218 -6.86 29.31 -17.19
C VAL C 218 -6.95 30.07 -15.87
N LYS C 219 -7.63 31.21 -15.86
CA LYS C 219 -7.75 32.00 -14.63
C LYS C 219 -8.38 31.16 -13.51
N LYS C 220 -9.49 30.48 -13.83
CA LYS C 220 -10.13 29.62 -12.83
C LYS C 220 -9.20 28.50 -12.40
N PHE C 221 -8.49 27.89 -13.35
CA PHE C 221 -7.53 26.84 -13.02
C PHE C 221 -6.50 27.33 -12.00
N LEU C 222 -5.89 28.49 -12.26
CA LEU C 222 -4.90 29.00 -11.31
C LEU C 222 -5.52 29.27 -9.95
N THR C 223 -6.75 29.75 -9.92
CA THR C 223 -7.45 29.95 -8.65
C THR C 223 -7.64 28.61 -7.95
N GLU C 224 -7.99 27.57 -8.70
CA GLU C 224 -8.17 26.24 -8.10
C GLU C 224 -6.89 25.74 -7.47
N LEU C 225 -5.73 26.09 -8.03
CA LEU C 225 -4.46 25.63 -7.48
C LEU C 225 -4.09 26.33 -6.17
N ASN C 226 -4.77 27.43 -5.83
CA ASN C 226 -4.49 28.10 -4.56
C ASN C 226 -4.98 27.32 -3.35
N MET C 227 -5.74 26.25 -3.57
CA MET C 227 -6.32 25.48 -2.47
C MET C 227 -5.23 24.74 -1.70
N SER C 228 -5.42 24.63 -0.38
CA SER C 228 -4.61 23.71 0.41
C SER C 228 -4.63 22.33 -0.23
N ALA C 229 -3.46 21.67 -0.26
CA ALA C 229 -3.40 20.34 -0.86
C ALA C 229 -4.23 19.33 -0.09
N ILE C 230 -4.22 19.44 1.25
CA ILE C 230 -4.81 18.43 2.11
C ILE C 230 -5.53 19.11 3.26
N THR C 231 -6.69 18.58 3.61
CA THR C 231 -7.42 18.98 4.81
C THR C 231 -7.60 17.75 5.68
N VAL C 232 -7.28 17.89 6.97
CA VAL C 232 -7.26 16.76 7.91
C VAL C 232 -8.26 17.01 9.01
N SER C 233 -8.92 15.93 9.44
CA SER C 233 -9.77 15.92 10.62
C SER C 233 -9.08 15.06 11.67
N SER C 234 -8.82 15.62 12.85
CA SER C 234 -8.07 14.89 13.86
C SER C 234 -8.47 15.38 15.25
N ILE C 235 -8.17 14.56 16.25
CA ILE C 235 -8.37 14.98 17.64
C ILE C 235 -7.24 15.89 18.08
N ASP C 236 -6.01 15.56 17.72
CA ASP C 236 -4.82 16.28 18.17
C ASP C 236 -4.20 17.09 17.03
N HIS C 237 -3.27 17.96 17.39
CA HIS C 237 -2.56 18.77 16.41
C HIS C 237 -1.73 17.89 15.49
N VAL C 238 -1.79 18.19 14.19
CA VAL C 238 -1.02 17.48 13.18
C VAL C 238 -0.32 18.45 12.22
N GLU C 239 -0.32 19.74 12.58
CA GLU C 239 0.19 20.77 11.68
CA GLU C 239 0.19 20.76 11.67
C GLU C 239 1.59 20.42 11.16
N TYR C 240 2.51 20.09 12.06
CA TYR C 240 3.90 19.94 11.66
C TYR C 240 4.11 18.67 10.83
N GLU C 241 3.55 17.55 11.28
CA GLU C 241 3.65 16.31 10.50
C GLU C 241 2.97 16.46 9.14
N LEU C 242 1.87 17.22 9.09
CA LEU C 242 1.18 17.42 7.82
C LEU C 242 2.11 18.01 6.77
N GLU C 243 2.83 19.08 7.15
CA GLU C 243 3.78 19.70 6.22
C GLU C 243 4.97 18.80 5.96
N GLU C 244 5.45 18.09 6.99
CA GLU C 244 6.63 17.23 6.83
C GLU C 244 6.37 16.10 5.84
N ILE C 245 5.20 15.48 5.91
CA ILE C 245 4.88 14.38 5.01
C ILE C 245 4.74 14.89 3.58
N LEU C 246 4.04 16.02 3.40
CA LEU C 246 3.90 16.59 2.07
C LEU C 246 5.25 16.96 1.47
N SER C 247 6.09 17.66 2.25
CA SER C 247 7.40 18.08 1.77
C SER C 247 8.27 16.86 1.41
N LYS C 248 8.24 15.83 2.25
CA LYS C 248 8.97 14.60 1.94
C LYS C 248 8.54 14.03 0.58
N ASN C 249 7.23 13.98 0.34
CA ASN C 249 6.77 13.41 -0.93
C ASN C 249 7.11 14.31 -2.11
N ILE C 250 7.06 15.62 -1.92
CA ILE C 250 7.54 16.52 -2.98
C ILE C 250 9.00 16.25 -3.28
N SER C 251 9.82 16.03 -2.24
CA SER C 251 11.25 15.88 -2.43
CA SER C 251 11.25 15.87 -2.42
C SER C 251 11.62 14.62 -3.20
N ARG C 252 10.70 13.65 -3.30
CA ARG C 252 11.01 12.42 -4.03
C ARG C 252 11.05 12.64 -5.54
N VAL C 253 10.47 13.73 -6.04
CA VAL C 253 10.51 13.99 -7.47
C VAL C 253 11.93 14.25 -7.91
N ASP C 254 12.35 13.55 -8.97
CA ASP C 254 13.69 13.64 -9.52
C ASP C 254 13.54 13.82 -11.03
N SER C 255 13.97 14.96 -11.55
CA SER C 255 13.89 15.25 -12.98
C SER C 255 15.31 15.40 -13.54
N PHE C 256 15.54 14.80 -14.72
CA PHE C 256 16.87 14.88 -15.33
C PHE C 256 16.75 14.65 -16.83
N VAL C 257 17.68 15.23 -17.58
CA VAL C 257 17.76 15.01 -19.01
C VAL C 257 18.82 13.95 -19.25
N LYS C 258 18.43 12.86 -19.92
CA LYS C 258 19.38 11.84 -20.31
C LYS C 258 19.85 12.15 -21.72
N GLU C 259 21.16 12.28 -21.90
CA GLU C 259 21.67 12.54 -23.23
C GLU C 259 21.45 11.32 -24.12
N PHE C 260 20.93 11.56 -25.32
CA PHE C 260 20.78 10.53 -26.35
C PHE C 260 21.91 10.67 -27.36
N ASP C 261 22.81 9.68 -27.37
CA ASP C 261 23.98 9.72 -28.24
C ASP C 261 23.60 9.55 -29.69
N LYS C 262 24.22 10.35 -30.57
CA LYS C 262 24.07 10.24 -32.02
C LYS C 262 24.98 11.24 -32.70
N LEU C 263 25.39 10.94 -33.94
CA LEU C 263 26.25 11.85 -34.70
C LEU C 263 25.42 12.81 -35.53
N ASN D 2 -15.27 13.59 -23.17
CA ASN D 2 -14.76 12.28 -22.78
C ASN D 2 -13.32 12.08 -23.23
N TYR D 3 -12.76 13.07 -23.93
CA TYR D 3 -11.33 13.12 -24.20
C TYR D 3 -10.66 14.09 -23.23
N GLY D 4 -9.35 13.92 -23.08
CA GLY D 4 -8.57 14.77 -22.20
C GLY D 4 -7.91 15.94 -22.90
N ILE D 5 -6.59 16.06 -22.73
CA ILE D 5 -5.85 17.14 -23.35
C ILE D 5 -5.84 16.99 -24.87
N THR D 6 -5.78 15.75 -25.34
CA THR D 6 -5.92 15.42 -26.76
C THR D 6 -6.86 14.23 -26.87
N GLU D 7 -7.17 13.85 -28.11
CA GLU D 7 -8.02 12.70 -28.36
C GLU D 7 -7.30 11.38 -28.18
N SER D 8 -5.99 11.40 -27.87
CA SER D 8 -5.27 10.18 -27.54
C SER D 8 -5.53 9.72 -26.12
N VAL D 9 -6.13 10.55 -25.27
CA VAL D 9 -6.35 10.22 -23.88
C VAL D 9 -7.84 10.39 -23.56
N LYS D 10 -8.38 9.47 -22.77
CA LYS D 10 -9.78 9.49 -22.39
C LYS D 10 -9.93 10.02 -20.96
N THR D 11 -11.03 10.73 -20.73
CA THR D 11 -11.42 11.14 -19.40
C THR D 11 -12.74 10.46 -19.08
N THR D 12 -12.77 9.71 -17.98
CA THR D 12 -13.92 8.92 -17.58
C THR D 12 -14.34 9.34 -16.18
N ARG D 13 -15.62 9.70 -16.04
CA ARG D 13 -16.21 10.04 -14.76
C ARG D 13 -17.06 8.87 -14.29
N SER D 14 -16.85 8.44 -13.04
CA SER D 14 -17.61 7.30 -12.55
C SER D 14 -19.10 7.57 -12.57
N LYS D 15 -19.87 6.54 -12.90
CA LYS D 15 -21.32 6.64 -12.81
C LYS D 15 -21.76 6.76 -11.35
N ILE D 16 -21.08 6.03 -10.47
CA ILE D 16 -21.32 6.13 -9.05
C ILE D 16 -20.95 7.53 -8.59
N LYS D 17 -21.89 8.21 -7.95
CA LYS D 17 -21.70 9.53 -7.39
C LYS D 17 -21.39 9.43 -5.89
N ILE D 18 -20.83 10.50 -5.33
CA ILE D 18 -20.54 10.49 -3.89
C ILE D 18 -21.80 10.21 -3.09
N LYS D 19 -22.93 10.82 -3.49
CA LYS D 19 -24.16 10.58 -2.74
C LYS D 19 -24.59 9.12 -2.81
N ASP D 20 -24.23 8.40 -3.88
CA ASP D 20 -24.57 6.98 -3.97
C ASP D 20 -23.83 6.17 -2.91
N ILE D 21 -22.56 6.50 -2.70
CA ILE D 21 -21.78 5.83 -1.66
C ILE D 21 -22.33 6.19 -0.29
N VAL D 22 -22.63 7.47 -0.07
CA VAL D 22 -23.27 7.88 1.18
C VAL D 22 -24.54 7.08 1.40
N SER D 23 -25.38 7.01 0.36
CA SER D 23 -26.65 6.29 0.48
CA SER D 23 -26.64 6.28 0.46
C SER D 23 -26.42 4.83 0.86
N ASP D 24 -25.45 4.16 0.21
CA ASP D 24 -25.20 2.76 0.51
C ASP D 24 -24.79 2.56 1.97
N VAL D 25 -23.92 3.45 2.46
CA VAL D 25 -23.42 3.34 3.83
C VAL D 25 -24.54 3.59 4.84
N VAL D 26 -25.31 4.67 4.65
CA VAL D 26 -26.38 4.97 5.60
C VAL D 26 -27.45 3.88 5.59
N GLU D 27 -27.72 3.31 4.41
CA GLU D 27 -28.67 2.20 4.33
C GLU D 27 -28.18 1.00 5.13
N LYS D 28 -26.89 0.69 5.06
CA LYS D 28 -26.35 -0.41 5.85
C LYS D 28 -26.52 -0.15 7.35
N LYS D 29 -26.31 1.09 7.79
CA LYS D 29 -26.51 1.42 9.19
C LYS D 29 -27.98 1.31 9.56
N ALA D 30 -28.88 1.84 8.72
CA ALA D 30 -30.31 1.75 9.00
C ALA D 30 -30.75 0.29 9.08
N ASN D 31 -30.24 -0.55 8.18
CA ASN D 31 -30.62 -1.96 8.19
C ASN D 31 -30.05 -2.67 9.41
N ALA D 32 -28.87 -2.28 9.85
CA ALA D 32 -28.31 -2.86 11.07
C ALA D 32 -29.21 -2.61 12.26
N ILE D 33 -29.71 -1.37 12.40
CA ILE D 33 -30.67 -1.04 13.45
C ILE D 33 -31.96 -1.83 13.26
N LYS D 34 -32.47 -1.88 12.03
CA LYS D 34 -33.70 -2.60 11.77
C LYS D 34 -33.60 -4.05 12.23
N TYR D 35 -32.50 -4.72 11.88
CA TYR D 35 -32.31 -6.11 12.28
C TYR D 35 -32.27 -6.22 13.79
N PHE D 36 -31.56 -5.31 14.46
CA PHE D 36 -31.43 -5.35 15.91
C PHE D 36 -32.78 -5.19 16.60
N LEU D 37 -33.67 -4.38 16.02
CA LEU D 37 -34.95 -4.11 16.63
C LEU D 37 -35.95 -5.26 16.45
N GLU D 38 -35.67 -6.17 15.51
CA GLU D 38 -36.45 -7.41 15.38
C GLU D 38 -37.94 -7.12 15.24
N GLY D 39 -38.27 -6.06 14.50
CA GLY D 39 -39.65 -5.72 14.23
C GLY D 39 -40.42 -5.14 15.39
N GLU D 40 -39.76 -4.83 16.51
CA GLU D 40 -40.45 -4.23 17.63
C GLU D 40 -41.00 -2.86 17.27
N GLU D 41 -42.20 -2.57 17.76
CA GLU D 41 -42.87 -1.30 17.53
C GLU D 41 -42.73 -0.40 18.76
N PHE D 42 -42.65 0.90 18.50
CA PHE D 42 -42.36 1.89 19.53
C PHE D 42 -43.32 3.06 19.42
N LYS D 43 -43.59 3.69 20.57
CA LYS D 43 -44.45 4.85 20.59
C LYS D 43 -43.69 6.14 20.25
N GLN D 44 -42.45 6.27 20.70
CA GLN D 44 -41.69 7.50 20.47
C GLN D 44 -40.21 7.18 20.39
N ALA D 45 -39.60 7.49 19.24
CA ALA D 45 -38.17 7.31 19.03
C ALA D 45 -37.51 8.67 19.00
N ILE D 46 -36.38 8.81 19.69
CA ILE D 46 -35.55 10.01 19.66
C ILE D 46 -34.18 9.61 19.12
N VAL D 47 -33.76 10.30 18.06
CA VAL D 47 -32.47 10.04 17.41
C VAL D 47 -31.61 11.29 17.57
N PHE D 48 -30.45 11.15 18.21
CA PHE D 48 -29.52 12.27 18.37
C PHE D 48 -28.49 12.25 17.24
N GLY D 49 -28.38 13.37 16.54
CA GLY D 49 -27.39 13.50 15.48
C GLY D 49 -28.00 13.33 14.11
N ALA D 50 -28.32 14.45 13.47
CA ALA D 50 -28.97 14.42 12.17
C ALA D 50 -28.00 14.08 11.05
N TYR D 51 -26.77 14.60 11.14
CA TYR D 51 -25.74 14.35 10.14
C TYR D 51 -24.90 13.14 10.56
N LEU D 52 -24.49 12.25 9.65
CA LEU D 52 -24.88 12.21 8.24
C LEU D 52 -25.93 11.11 7.97
N SER D 53 -25.86 10.01 8.72
CA SER D 53 -26.81 8.90 8.54
C SER D 53 -28.10 9.09 9.32
N GLY D 54 -28.11 9.98 10.32
CA GLY D 54 -29.29 10.14 11.16
C GLY D 54 -30.55 10.42 10.38
N SER D 55 -30.45 11.25 9.34
CA SER D 55 -31.61 11.61 8.55
C SER D 55 -32.31 10.38 7.99
N TYR D 56 -31.55 9.51 7.30
CA TYR D 56 -32.17 8.33 6.73
C TYR D 56 -32.56 7.34 7.82
N ILE D 57 -31.74 7.20 8.86
CA ILE D 57 -32.09 6.30 9.95
C ILE D 57 -33.43 6.72 10.56
N ALA D 58 -33.61 8.02 10.79
CA ALA D 58 -34.89 8.50 11.33
C ALA D 58 -36.03 8.17 10.38
N TYR D 59 -35.82 8.38 9.08
CA TYR D 59 -36.82 7.97 8.10
C TYR D 59 -37.15 6.49 8.21
N SER D 60 -36.12 5.64 8.35
CA SER D 60 -36.37 4.20 8.37
C SER D 60 -37.17 3.76 9.59
N LEU D 61 -37.23 4.59 10.64
CA LEU D 61 -37.97 4.23 11.84
C LEU D 61 -39.45 4.57 11.76
N LEU D 62 -39.87 5.36 10.76
CA LEU D 62 -41.25 5.80 10.69
C LEU D 62 -42.23 4.64 10.60
N LYS D 63 -41.83 3.53 9.98
CA LYS D 63 -42.74 2.41 9.81
C LYS D 63 -43.21 1.86 11.15
N ASP D 64 -42.26 1.59 12.05
CA ASP D 64 -42.57 0.90 13.31
C ASP D 64 -42.64 1.83 14.51
N CYS D 65 -42.33 3.11 14.35
CA CYS D 65 -42.35 4.07 15.45
C CYS D 65 -43.45 5.11 15.18
N GLU D 66 -44.37 5.25 16.14
CA GLU D 66 -45.48 6.18 15.97
C GLU D 66 -44.97 7.62 15.83
N GLU D 67 -43.97 7.99 16.62
CA GLU D 67 -43.36 9.32 16.52
C GLU D 67 -41.85 9.15 16.46
N VAL D 68 -41.20 9.88 15.55
CA VAL D 68 -39.76 9.88 15.40
C VAL D 68 -39.28 11.32 15.50
N ILE D 69 -38.38 11.58 16.45
CA ILE D 69 -37.83 12.91 16.67
C ILE D 69 -36.33 12.86 16.45
N ILE D 70 -35.82 13.78 15.64
CA ILE D 70 -34.39 14.01 15.49
C ILE D 70 -34.01 15.18 16.40
N VAL D 71 -32.96 15.01 17.17
CA VAL D 71 -32.42 16.08 18.01
C VAL D 71 -31.00 16.37 17.54
N ASP D 72 -30.71 17.64 17.31
CA ASP D 72 -29.37 18.04 16.94
C ASP D 72 -29.01 19.35 17.62
N ILE D 73 -27.76 19.44 18.09
CA ILE D 73 -27.28 20.65 18.73
C ILE D 73 -27.24 21.81 17.74
N GLN D 74 -27.20 21.52 16.44
CA GLN D 74 -27.17 22.54 15.40
C GLN D 74 -28.58 22.76 14.86
N PRO D 75 -29.24 23.89 15.13
CA PRO D 75 -30.61 24.06 14.63
C PRO D 75 -30.72 24.02 13.11
N HIS D 76 -29.71 24.48 12.38
CA HIS D 76 -29.83 24.51 10.92
C HIS D 76 -29.84 23.12 10.30
N LEU D 77 -29.49 22.08 11.04
CA LEU D 77 -29.54 20.75 10.46
C LEU D 77 -30.96 20.24 10.25
N LYS D 78 -31.98 21.02 10.64
CA LYS D 78 -33.35 20.72 10.24
C LYS D 78 -33.45 20.59 8.73
N ASP D 79 -32.56 21.26 7.99
CA ASP D 79 -32.57 21.23 6.53
C ASP D 79 -32.09 19.89 5.95
N ILE D 80 -31.46 19.03 6.75
CA ILE D 80 -30.97 17.75 6.23
C ILE D 80 -32.01 16.64 6.33
N LEU D 81 -33.16 16.91 6.94
CA LEU D 81 -34.26 15.95 6.96
C LEU D 81 -35.04 16.05 5.65
N PHE D 82 -35.35 14.90 5.04
CA PHE D 82 -36.05 14.92 3.75
C PHE D 82 -37.50 14.46 3.83
N ASN D 83 -37.98 14.00 4.99
CA ASN D 83 -39.36 13.61 5.15
C ASN D 83 -40.02 14.50 6.19
N ASP D 84 -41.31 14.82 5.98
CA ASP D 84 -42.01 15.70 6.90
C ASP D 84 -42.54 14.94 8.12
N GLY D 85 -42.58 13.61 8.05
CA GLY D 85 -43.00 12.80 9.18
C GLY D 85 -42.05 12.84 10.36
N ILE D 86 -40.84 13.38 10.18
CA ILE D 86 -39.84 13.43 11.23
C ILE D 86 -39.88 14.81 11.89
N LYS D 87 -40.02 14.83 13.21
CA LYS D 87 -39.98 16.04 14.00
C LYS D 87 -38.54 16.40 14.35
N PHE D 88 -38.21 17.68 14.27
CA PHE D 88 -36.86 18.16 14.62
C PHE D 88 -36.91 19.00 15.89
N MET D 89 -35.93 18.78 16.77
CA MET D 89 -35.74 19.57 17.97
C MET D 89 -34.27 19.89 18.12
N ASP D 90 -33.93 21.14 18.44
CA ASP D 90 -32.55 21.39 18.82
C ASP D 90 -32.32 20.99 20.27
N LEU D 91 -31.05 20.83 20.63
CA LEU D 91 -30.71 20.30 21.95
C LEU D 91 -31.32 21.15 23.06
N ASN D 92 -31.31 22.47 22.91
CA ASN D 92 -31.89 23.34 23.91
C ASN D 92 -33.39 23.09 24.07
N LYS D 93 -34.12 23.01 22.96
CA LYS D 93 -35.54 22.71 23.03
C LYS D 93 -35.80 21.38 23.71
N LEU D 94 -35.01 20.36 23.39
CA LEU D 94 -35.19 19.06 24.03
C LEU D 94 -34.91 19.13 25.52
N GLN D 95 -33.76 19.68 25.90
CA GLN D 95 -33.37 19.70 27.31
C GLN D 95 -34.39 20.45 28.15
N LEU D 96 -35.08 21.43 27.56
CA LEU D 96 -36.08 22.17 28.31
C LEU D 96 -37.39 21.39 28.40
N GLU D 97 -37.78 20.71 27.33
CA GLU D 97 -38.97 19.86 27.40
C GLU D 97 -38.79 18.74 28.40
N LEU D 98 -37.55 18.27 28.60
CA LEU D 98 -37.32 17.24 29.60
C LEU D 98 -37.52 17.76 31.02
N ARG D 99 -37.03 18.97 31.33
CA ARG D 99 -37.09 19.41 32.72
C ARG D 99 -38.51 19.78 33.13
N ASN D 100 -39.22 20.53 32.29
CA ASN D 100 -40.55 21.04 32.62
C ASN D 100 -41.59 20.63 31.58
N GLY D 101 -41.60 19.34 31.21
CA GLY D 101 -42.58 18.88 30.24
C GLY D 101 -42.91 17.42 30.44
N THR D 102 -43.90 16.95 29.68
CA THR D 102 -44.30 15.55 29.68
C THR D 102 -44.30 14.92 28.28
N SER D 103 -44.05 15.71 27.24
CA SER D 103 -44.14 15.21 25.88
C SER D 103 -42.99 14.30 25.50
N ILE D 104 -41.89 14.32 26.26
CA ILE D 104 -40.69 13.57 25.91
C ILE D 104 -40.56 12.38 26.85
N ASN D 105 -40.79 11.18 26.32
CA ASN D 105 -40.64 9.96 27.09
C ASN D 105 -40.41 8.81 26.12
N PRO D 106 -39.27 8.80 25.44
CA PRO D 106 -39.07 7.84 24.35
C PRO D 106 -38.89 6.43 24.87
N ASP D 107 -39.46 5.46 24.14
CA ASP D 107 -39.16 4.05 24.36
C ASP D 107 -38.06 3.54 23.44
N LEU D 108 -37.60 4.35 22.49
CA LEU D 108 -36.43 4.04 21.68
C LEU D 108 -35.56 5.29 21.64
N VAL D 109 -34.31 5.13 22.05
CA VAL D 109 -33.33 6.21 22.00
C VAL D 109 -32.13 5.72 21.19
N ILE D 110 -31.71 6.52 20.23
CA ILE D 110 -30.55 6.19 19.41
C ILE D 110 -29.63 7.40 19.42
N ASP D 111 -28.38 7.21 19.88
CA ASP D 111 -27.36 8.25 19.87
C ASP D 111 -26.40 8.00 18.72
N LEU D 112 -26.45 8.89 17.73
CA LEU D 112 -25.57 8.80 16.57
C LEU D 112 -24.49 9.89 16.58
N THR D 113 -24.30 10.57 17.70
CA THR D 113 -23.44 11.76 17.70
C THR D 113 -21.96 11.43 17.74
N GLY D 114 -21.58 10.30 18.33
CA GLY D 114 -20.18 9.91 18.32
C GLY D 114 -19.29 10.89 19.06
N ILE D 115 -18.11 11.13 18.46
CA ILE D 115 -17.06 11.85 19.17
C ILE D 115 -17.52 13.24 19.58
N GLY D 116 -17.30 13.58 20.85
CA GLY D 116 -17.68 14.88 21.36
C GLY D 116 -19.16 15.16 21.36
N GLY D 117 -19.98 14.11 21.31
CA GLY D 117 -21.42 14.25 21.17
C GLY D 117 -22.18 14.31 22.48
N VAL D 118 -23.35 13.67 22.53
CA VAL D 118 -24.21 13.80 23.69
C VAL D 118 -23.51 13.26 24.93
N SER D 119 -23.85 13.83 26.07
CA SER D 119 -23.26 13.42 27.33
C SER D 119 -23.99 12.22 27.91
N PRO D 120 -23.29 11.35 28.64
CA PRO D 120 -24.00 10.29 29.38
C PRO D 120 -25.03 10.85 30.34
N ASP D 121 -24.79 12.05 30.88
CA ASP D 121 -25.74 12.67 31.80
C ASP D 121 -27.10 12.85 31.12
N LEU D 122 -27.11 13.36 29.89
CA LEU D 122 -28.36 13.54 29.16
C LEU D 122 -29.02 12.20 28.84
N ILE D 123 -28.24 11.22 28.41
CA ILE D 123 -28.80 9.90 28.12
C ILE D 123 -29.45 9.32 29.37
N SER D 124 -28.84 9.54 30.53
CA SER D 124 -29.37 9.00 31.77
C SER D 124 -30.74 9.55 32.12
N LYS D 125 -31.17 10.62 31.46
CA LYS D 125 -32.48 11.20 31.73
C LYS D 125 -33.63 10.43 31.07
N PHE D 126 -33.33 9.42 30.25
CA PHE D 126 -34.35 8.63 29.58
C PHE D 126 -34.45 7.24 30.21
N ASN D 127 -35.58 6.59 29.92
CA ASN D 127 -35.83 5.22 30.37
C ASN D 127 -36.53 4.47 29.25
N PRO D 128 -35.82 4.21 28.16
CA PRO D 128 -36.44 3.59 26.99
C PRO D 128 -36.45 2.07 27.09
N LYS D 129 -37.26 1.46 26.22
CA LYS D 129 -37.17 0.02 26.06
C LYS D 129 -35.83 -0.37 25.43
N VAL D 130 -35.38 0.40 24.45
CA VAL D 130 -34.18 0.10 23.69
C VAL D 130 -33.32 1.35 23.60
N LEU D 131 -32.03 1.18 23.88
CA LEU D 131 -31.04 2.22 23.69
C LEU D 131 -30.01 1.69 22.70
N ILE D 132 -29.74 2.46 21.65
CA ILE D 132 -28.66 2.16 20.71
C ILE D 132 -27.70 3.33 20.72
N VAL D 133 -26.41 3.06 20.89
CA VAL D 133 -25.36 4.07 20.81
C VAL D 133 -24.43 3.70 19.66
N GLU D 134 -24.21 4.64 18.75
CA GLU D 134 -23.27 4.39 17.66
C GLU D 134 -21.86 4.57 18.18
N ASP D 135 -21.04 3.54 17.99
CA ASP D 135 -19.63 3.58 18.37
C ASP D 135 -18.84 4.26 17.25
N PRO D 136 -18.26 5.44 17.49
CA PRO D 136 -17.51 6.12 16.42
C PRO D 136 -16.16 5.49 16.15
N LYS D 137 -15.66 4.64 17.05
CA LYS D 137 -14.36 4.03 16.84
C LYS D 137 -14.40 3.08 15.65
N GLY D 138 -13.40 3.22 14.79
CA GLY D 138 -13.20 2.26 13.72
C GLY D 138 -12.14 1.27 14.14
N ASN D 139 -11.11 1.16 13.32
CA ASN D 139 -9.98 0.32 13.68
C ASN D 139 -9.08 1.13 14.64
N HIS D 140 -7.97 0.53 15.07
CA HIS D 140 -7.36 1.02 16.30
C HIS D 140 -6.58 2.30 16.11
N ASP D 141 -6.84 3.26 17.00
CA ASP D 141 -6.11 4.53 17.06
C ASP D 141 -6.19 5.02 18.50
N LYS D 142 -5.02 5.22 19.12
CA LYS D 142 -4.99 5.56 20.54
C LYS D 142 -5.68 6.89 20.82
N GLY D 143 -5.43 7.90 19.97
CA GLY D 143 -6.04 9.20 20.18
C GLY D 143 -7.56 9.17 20.13
N ILE D 144 -8.11 8.42 19.18
CA ILE D 144 -9.57 8.32 19.07
C ILE D 144 -10.13 7.49 20.23
N SER D 145 -9.46 6.42 20.61
CA SER D 145 -9.91 5.64 21.76
C SER D 145 -9.95 6.49 23.03
N LYS D 146 -8.98 7.40 23.18
CA LYS D 146 -8.88 8.18 24.40
C LYS D 146 -10.09 9.11 24.56
N ILE D 147 -10.57 9.70 23.46
CA ILE D 147 -11.68 10.66 23.54
C ILE D 147 -13.04 9.97 23.50
N ASP D 148 -13.08 8.69 23.13
CA ASP D 148 -14.34 7.97 23.04
C ASP D 148 -14.86 7.63 24.43
N ASN D 149 -16.18 7.74 24.60
CA ASN D 149 -16.82 7.34 25.86
C ASN D 149 -18.13 6.63 25.56
N THR D 150 -18.15 5.86 24.48
CA THR D 150 -19.35 5.11 24.09
C THR D 150 -19.87 4.27 25.25
N ASP D 151 -18.98 3.55 25.94
CA ASP D 151 -19.44 2.65 26.99
C ASP D 151 -20.12 3.40 28.13
N LYS D 152 -19.66 4.62 28.42
CA LYS D 152 -20.28 5.41 29.48
C LYS D 152 -21.67 5.90 29.08
N ARG D 153 -21.98 5.94 27.78
CA ARG D 153 -23.29 6.35 27.32
C ARG D 153 -24.34 5.24 27.38
N LEU D 154 -23.92 3.99 27.59
CA LEU D 154 -24.83 2.85 27.65
C LEU D 154 -25.36 2.66 29.07
N CYS D 155 -26.08 3.67 29.57
CA CYS D 155 -26.44 3.73 30.98
C CYS D 155 -27.94 3.57 31.23
N VAL D 156 -28.77 3.43 30.20
CA VAL D 156 -30.20 3.24 30.37
C VAL D 156 -30.69 2.23 29.33
N GLY D 157 -31.94 1.82 29.51
CA GLY D 157 -32.57 0.93 28.56
C GLY D 157 -32.59 -0.52 28.99
N ALA D 158 -33.74 -1.17 28.80
CA ALA D 158 -33.86 -2.59 29.10
C ALA D 158 -33.05 -3.43 28.13
N LYS D 159 -32.97 -2.99 26.87
CA LYS D 159 -32.16 -3.62 25.84
C LYS D 159 -31.18 -2.58 25.32
N LYS D 160 -29.90 -2.93 25.26
CA LYS D 160 -28.83 -2.01 24.90
C LYS D 160 -28.05 -2.58 23.72
N GLY D 161 -27.71 -1.72 22.77
CA GLY D 161 -26.94 -2.13 21.61
C GLY D 161 -25.95 -1.05 21.21
N VAL D 162 -24.86 -1.49 20.60
CA VAL D 162 -23.82 -0.61 20.10
C VAL D 162 -23.72 -0.79 18.59
N LEU D 163 -23.96 0.29 17.84
CA LEU D 163 -23.90 0.22 16.39
C LEU D 163 -22.47 0.39 15.93
N LYS D 164 -21.93 -0.65 15.28
CA LYS D 164 -20.57 -0.67 14.79
C LYS D 164 -20.57 -0.75 13.27
N THR D 165 -19.64 -0.05 12.64
CA THR D 165 -19.51 -0.12 11.19
C THR D 165 -18.03 -0.13 10.84
N TYR D 166 -17.61 -1.16 10.11
CA TYR D 166 -16.23 -1.34 9.70
C TYR D 166 -16.18 -1.69 8.22
N ARG D 167 -14.99 -1.64 7.64
CA ARG D 167 -14.75 -2.13 6.30
C ARG D 167 -14.01 -3.45 6.40
N SER D 168 -14.62 -4.52 5.85
CA SER D 168 -13.97 -5.81 5.85
C SER D 168 -12.62 -5.75 5.16
N SER D 169 -11.58 -6.18 5.86
CA SER D 169 -10.21 -6.32 5.37
C SER D 169 -9.49 -4.99 5.15
N LYS D 170 -10.11 -3.86 5.48
CA LYS D 170 -9.51 -2.55 5.21
C LYS D 170 -9.53 -1.70 6.46
N PHE D 171 -8.60 -0.75 6.53
CA PHE D 171 -8.45 0.12 7.70
C PHE D 171 -9.21 1.42 7.52
N SER D 172 -10.00 1.77 8.54
CA SER D 172 -10.65 3.08 8.65
C SER D 172 -10.59 3.51 10.10
N LYS D 173 -10.36 4.82 10.32
CA LYS D 173 -10.16 5.34 11.66
C LYS D 173 -11.46 5.49 12.44
N THR D 174 -12.57 5.70 11.76
CA THR D 174 -13.86 5.82 12.43
C THR D 174 -14.89 5.04 11.63
N SER D 175 -16.04 4.90 12.26
CA SER D 175 -17.23 4.35 11.64
C SER D 175 -18.12 5.41 11.03
N GLY D 176 -17.68 6.67 11.05
CA GLY D 176 -18.51 7.75 10.55
C GLY D 176 -18.78 7.58 9.06
N THR D 177 -20.00 7.94 8.66
CA THR D 177 -20.35 7.82 7.25
C THR D 177 -19.34 8.55 6.37
N MET D 178 -19.01 9.79 6.73
CA MET D 178 -18.06 10.57 5.94
C MET D 178 -16.71 9.88 5.83
N THR D 179 -16.17 9.43 6.97
CA THR D 179 -14.89 8.72 6.97
C THR D 179 -14.93 7.52 6.02
N LEU D 180 -15.99 6.72 6.12
CA LEU D 180 -16.09 5.52 5.30
C LEU D 180 -16.17 5.87 3.81
N VAL D 181 -16.94 6.90 3.47
CA VAL D 181 -17.06 7.30 2.07
C VAL D 181 -15.71 7.75 1.54
N VAL D 182 -14.99 8.57 2.32
CA VAL D 182 -13.66 9.01 1.92
C VAL D 182 -12.75 7.81 1.71
N ASP D 183 -12.74 6.87 2.66
CA ASP D 183 -11.81 5.74 2.56
C ASP D 183 -12.18 4.80 1.42
N ILE D 184 -13.48 4.61 1.17
CA ILE D 184 -13.92 3.84 0.00
C ILE D 184 -13.35 4.45 -1.27
N ILE D 185 -13.49 5.76 -1.41
CA ILE D 185 -13.04 6.43 -2.62
C ILE D 185 -11.53 6.37 -2.73
N MET D 186 -10.80 6.61 -1.63
CA MET D 186 -9.35 6.61 -1.68
C MET D 186 -8.80 5.23 -2.05
N ASP D 187 -9.32 4.18 -1.42
CA ASP D 187 -8.86 2.83 -1.75
C ASP D 187 -9.23 2.46 -3.18
N SER D 188 -10.41 2.88 -3.65
CA SER D 188 -10.80 2.62 -5.02
C SER D 188 -9.83 3.31 -5.98
N CYS D 189 -9.48 4.56 -5.68
CA CYS D 189 -8.55 5.30 -6.53
CA CYS D 189 -8.55 5.33 -6.50
C CYS D 189 -7.23 4.57 -6.68
N ARG D 190 -6.70 4.03 -5.58
CA ARG D 190 -5.40 3.37 -5.63
C ARG D 190 -5.46 2.14 -6.54
N GLU D 191 -6.54 1.36 -6.47
CA GLU D 191 -6.65 0.19 -7.34
C GLU D 191 -6.93 0.59 -8.78
N ILE D 192 -7.76 1.61 -8.99
CA ILE D 192 -8.05 2.07 -10.34
C ILE D 192 -6.78 2.53 -11.02
N ASN D 193 -5.90 3.22 -10.28
CA ASN D 193 -4.68 3.73 -10.90
C ASN D 193 -3.83 2.62 -11.48
N GLU D 194 -3.91 1.41 -10.91
CA GLU D 194 -3.13 0.29 -11.39
C GLU D 194 -3.76 -0.38 -12.60
N LEU D 195 -4.97 0.00 -13.01
CA LEU D 195 -5.51 -0.55 -14.25
C LEU D 195 -4.60 -0.17 -15.41
N ASP D 196 -4.42 -1.10 -16.35
CA ASP D 196 -3.60 -0.82 -17.52
C ASP D 196 -4.11 0.42 -18.24
N SER D 197 -3.18 1.30 -18.61
CA SER D 197 -3.38 2.49 -19.44
C SER D 197 -3.87 3.70 -18.65
N VAL D 198 -4.17 3.59 -17.36
CA VAL D 198 -4.54 4.76 -16.56
C VAL D 198 -3.30 5.61 -16.33
N LEU D 199 -3.44 6.91 -16.59
CA LEU D 199 -2.41 7.90 -16.30
C LEU D 199 -2.48 8.43 -14.87
N TYR D 200 -3.66 8.89 -14.44
CA TYR D 200 -3.85 9.33 -13.07
C TYR D 200 -5.33 9.24 -12.75
N THR D 201 -5.63 9.27 -11.46
CA THR D 201 -6.96 8.96 -10.94
C THR D 201 -7.31 10.02 -9.91
N ILE D 202 -8.41 10.73 -10.11
CA ILE D 202 -8.80 11.85 -9.26
C ILE D 202 -9.91 11.39 -8.32
N PRO D 203 -9.71 11.45 -7.00
CA PRO D 203 -10.87 11.37 -6.10
C PRO D 203 -11.50 12.76 -6.01
N ASN D 204 -12.80 12.84 -6.33
CA ASN D 204 -13.48 14.13 -6.37
C ASN D 204 -13.94 14.50 -4.95
N LEU D 205 -12.95 14.77 -4.10
CA LEU D 205 -13.18 15.00 -2.68
C LEU D 205 -12.91 16.45 -2.30
N LYS D 206 -13.56 16.87 -1.22
CA LYS D 206 -13.32 18.14 -0.57
C LYS D 206 -13.81 18.01 0.87
N TYR D 207 -13.63 19.07 1.65
CA TYR D 207 -14.03 19.05 3.05
C TYR D 207 -15.54 19.33 3.12
N PHE D 208 -16.31 18.32 2.72
CA PHE D 208 -17.77 18.45 2.69
C PHE D 208 -18.30 18.83 4.06
N GLU D 209 -17.69 18.28 5.10
CA GLU D 209 -18.12 18.56 6.46
C GLU D 209 -18.13 20.06 6.73
N GLY D 210 -17.14 20.78 6.19
CA GLY D 210 -17.11 22.22 6.36
C GLY D 210 -18.31 22.93 5.76
N THR D 211 -18.77 22.45 4.60
CA THR D 211 -19.96 23.03 3.98
C THR D 211 -21.17 22.95 4.91
N VAL D 212 -21.30 21.85 5.65
CA VAL D 212 -22.45 21.69 6.52
C VAL D 212 -22.28 22.48 7.81
N PHE D 213 -21.10 22.39 8.44
CA PHE D 213 -20.95 22.87 9.82
C PHE D 213 -20.26 24.22 9.94
N HIS D 214 -19.52 24.66 8.92
CA HIS D 214 -18.92 25.98 8.95
C HIS D 214 -19.67 26.96 8.07
N GLU D 215 -19.96 26.58 6.83
CA GLU D 215 -20.80 27.40 5.97
C GLU D 215 -22.28 27.27 6.33
N LYS D 216 -22.66 26.20 7.05
CA LYS D 216 -24.04 25.99 7.47
C LYS D 216 -24.97 26.03 6.27
N ASN D 217 -24.58 25.32 5.20
CA ASN D 217 -25.28 25.31 3.93
C ASN D 217 -25.53 23.86 3.53
N VAL D 218 -26.64 23.30 4.02
CA VAL D 218 -26.99 21.91 3.72
C VAL D 218 -27.28 21.75 2.23
N LYS D 219 -27.96 22.74 1.62
CA LYS D 219 -28.30 22.65 0.21
C LYS D 219 -27.04 22.52 -0.64
N LYS D 220 -26.04 23.35 -0.38
CA LYS D 220 -24.78 23.27 -1.11
C LYS D 220 -24.12 21.91 -0.89
N PHE D 221 -24.14 21.42 0.36
CA PHE D 221 -23.56 20.12 0.67
C PHE D 221 -24.18 19.02 -0.17
N LEU D 222 -25.52 18.98 -0.22
CA LEU D 222 -26.19 17.95 -1.02
C LEU D 222 -25.84 18.09 -2.50
N THR D 223 -25.71 19.32 -2.99
CA THR D 223 -25.28 19.52 -4.38
C THR D 223 -23.87 18.97 -4.59
N GLU D 224 -22.97 19.22 -3.63
CA GLU D 224 -21.60 18.73 -3.74
C GLU D 224 -21.53 17.21 -3.81
N LEU D 225 -22.48 16.51 -3.18
CA LEU D 225 -22.48 15.05 -3.22
C LEU D 225 -22.89 14.49 -4.56
N ASN D 226 -23.51 15.30 -5.43
CA ASN D 226 -23.97 14.80 -6.73
C ASN D 226 -22.83 14.54 -7.71
N MET D 227 -21.59 14.75 -7.27
CA MET D 227 -20.42 14.65 -8.14
C MET D 227 -20.04 13.19 -8.32
N SER D 228 -19.54 12.85 -9.51
CA SER D 228 -18.90 11.56 -9.70
C SER D 228 -17.85 11.35 -8.61
N ALA D 229 -17.81 10.15 -8.06
CA ALA D 229 -16.83 9.86 -7.01
C ALA D 229 -15.41 9.98 -7.54
N ILE D 230 -15.17 9.54 -8.78
CA ILE D 230 -13.82 9.44 -9.31
C ILE D 230 -13.82 9.87 -10.77
N THR D 231 -12.75 10.57 -11.16
CA THR D 231 -12.49 10.91 -12.55
C THR D 231 -11.13 10.35 -12.92
N VAL D 232 -11.08 9.63 -14.04
CA VAL D 232 -9.88 8.92 -14.47
C VAL D 232 -9.42 9.46 -15.81
N SER D 233 -8.10 9.53 -15.97
CA SER D 233 -7.45 9.80 -17.24
C SER D 233 -6.75 8.53 -17.68
N SER D 234 -7.07 8.03 -18.88
CA SER D 234 -6.53 6.75 -19.34
C SER D 234 -6.45 6.73 -20.86
N ILE D 235 -5.63 5.81 -21.38
CA ILE D 235 -5.58 5.59 -22.83
C ILE D 235 -6.75 4.73 -23.27
N ASP D 236 -7.10 3.71 -22.51
CA ASP D 236 -8.15 2.76 -22.87
C ASP D 236 -9.39 2.96 -22.02
N HIS D 237 -10.47 2.33 -22.47
CA HIS D 237 -11.72 2.39 -21.72
C HIS D 237 -11.55 1.69 -20.39
N VAL D 238 -12.06 2.32 -19.32
CA VAL D 238 -12.01 1.75 -17.98
C VAL D 238 -13.36 1.85 -17.28
N GLU D 239 -14.41 2.16 -18.04
CA GLU D 239 -15.71 2.47 -17.47
C GLU D 239 -16.20 1.36 -16.52
N TYR D 240 -16.17 0.12 -17.00
CA TYR D 240 -16.73 -0.97 -16.20
C TYR D 240 -15.84 -1.28 -15.00
N GLU D 241 -14.52 -1.26 -15.19
CA GLU D 241 -13.62 -1.56 -14.08
C GLU D 241 -13.76 -0.52 -12.98
N LEU D 242 -13.98 0.74 -13.37
CA LEU D 242 -14.19 1.80 -12.40
C LEU D 242 -15.37 1.49 -11.49
N GLU D 243 -16.49 1.07 -12.09
CA GLU D 243 -17.66 0.75 -11.28
C GLU D 243 -17.43 -0.51 -10.46
N GLU D 244 -16.75 -1.50 -11.03
CA GLU D 244 -16.52 -2.75 -10.30
C GLU D 244 -15.69 -2.51 -9.04
N ILE D 245 -14.65 -1.69 -9.15
CA ILE D 245 -13.77 -1.42 -8.01
C ILE D 245 -14.50 -0.62 -6.96
N LEU D 246 -15.22 0.42 -7.38
CA LEU D 246 -15.99 1.20 -6.41
C LEU D 246 -17.01 0.32 -5.72
N SER D 247 -17.77 -0.46 -6.49
CA SER D 247 -18.82 -1.29 -5.92
C SER D 247 -18.25 -2.29 -4.92
N LYS D 248 -17.12 -2.93 -5.28
CA LYS D 248 -16.48 -3.87 -4.37
C LYS D 248 -16.11 -3.22 -3.06
N ASN D 249 -15.55 -2.00 -3.10
CA ASN D 249 -15.18 -1.35 -1.86
C ASN D 249 -16.39 -0.92 -1.05
N ILE D 250 -17.48 -0.52 -1.70
CA ILE D 250 -18.71 -0.24 -0.96
C ILE D 250 -19.18 -1.51 -0.25
N SER D 251 -19.11 -2.66 -0.95
CA SER D 251 -19.63 -3.89 -0.38
CA SER D 251 -19.62 -3.91 -0.38
C SER D 251 -18.83 -4.36 0.83
N ARG D 252 -17.61 -3.85 1.02
CA ARG D 252 -16.83 -4.22 2.19
C ARG D 252 -17.40 -3.60 3.47
N VAL D 253 -18.22 -2.55 3.36
CA VAL D 253 -18.79 -1.96 4.56
C VAL D 253 -19.72 -2.95 5.23
N ASP D 254 -19.52 -3.16 6.53
CA ASP D 254 -20.31 -4.08 7.32
C ASP D 254 -20.78 -3.34 8.56
N SER D 255 -22.09 -3.14 8.69
CA SER D 255 -22.67 -2.45 9.82
C SER D 255 -23.54 -3.42 10.61
N PHE D 256 -23.40 -3.38 11.94
CA PHE D 256 -24.17 -4.28 12.80
C PHE D 256 -24.27 -3.69 14.20
N VAL D 257 -25.35 -4.03 14.88
CA VAL D 257 -25.52 -3.64 16.28
C VAL D 257 -25.14 -4.84 17.14
N LYS D 258 -24.18 -4.63 18.03
CA LYS D 258 -23.78 -5.66 18.97
C LYS D 258 -24.58 -5.44 20.26
N GLU D 259 -25.30 -6.48 20.70
CA GLU D 259 -26.04 -6.35 21.95
C GLU D 259 -25.06 -6.23 23.11
N PHE D 260 -25.34 -5.27 23.98
CA PHE D 260 -24.58 -5.03 25.20
C PHE D 260 -25.37 -5.68 26.34
N ASP D 261 -24.87 -6.79 26.87
CA ASP D 261 -25.62 -7.54 27.87
C ASP D 261 -25.70 -6.78 29.19
N LYS D 262 -26.87 -6.86 29.82
CA LYS D 262 -27.13 -6.21 31.10
C LYS D 262 -26.67 -4.75 31.10
#